data_5IFP
#
_entry.id   5IFP
#
_cell.length_a   85.570
_cell.length_b   111.421
_cell.length_c   126.730
_cell.angle_alpha   90.00
_cell.angle_beta   90.00
_cell.angle_gamma   90.00
#
_symmetry.space_group_name_H-M   'P 21 21 21'
#
loop_
_entity.id
_entity.type
_entity.pdbx_description
1 polymer 'beta-galactosidase A'
2 branched alpha-D-mannopyranose-(1-2)-alpha-D-mannopyranose-(1-2)-alpha-D-mannopyranose-(1-3)-[alpha-D-mannopyranose-(1-3)-alpha-D-mannopyranose-(1-6)]beta-D-mannopyranose-(1-4)-2-acetamido-2-deoxy-beta-D-glucopyranose-(1-4)-2-acetamido-2-deoxy-beta-D-glucopyranose
3 branched 2-acetamido-2-deoxy-beta-D-glucopyranose-(1-4)-2-acetamido-2-deoxy-beta-D-glucopyranose
4 branched alpha-D-mannopyranose-(1-2)-alpha-D-mannopyranose-(1-2)-alpha-D-mannopyranose-(1-3)-beta-D-mannopyranose-(1-4)-2-acetamido-2-deoxy-beta-D-glucopyranose-(1-4)-2-acetamido-2-deoxy-beta-D-glucopyranose
5 non-polymer 2-acetamido-2-deoxy-beta-D-glucopyranose
6 non-polymer 'SULFATE ION'
7 non-polymer 'CHLORIDE ION'
8 non-polymer 2-[BIS-(2-HYDROXY-ETHYL)-AMINO]-2-HYDROXYMETHYL-PROPANE-1,3-DIOL
9 non-polymer GLYCEROL
10 water water
#
_entity_poly.entity_id   1
_entity_poly.type   'polypeptide(L)'
_entity_poly.pdbx_seq_one_letter_code
;MKLSSACAIALLAAQAAGASIKHRINGFTLTEHSDPAKRELLQKYVTWDDKSLFINGERIMIFSGEFHPFRLPVKELQLD
IFQKVKALGFNCVSFYVDWALVEGKPGEYRADGIFDLEPFFDAASEAGIYLLARPGPYINAESSGGGFPGWLQRVNGTLR
SSDKAYLDATDNYVSHVAATIAKYQITNGGPIILYQPENEYTSGCCGVEFPDPVYMQYVEDQARNAGVVIPLINNDASAS
GNNAPGTGKGAVDIYGHDSYPLGFDCANPTVWPSGDLPTNFRTLHLEQSPTTPYAIVEFQGGSYDPWGGPGFAACSELLN
NEFERVFYKNDFSFQIAIMNLYMIFGGTNWGNLGYPNGYTSYDYGSAVTESRNITREKYSELKLLGNFAKVSPGYLTASP
GNLTTSGYADTTDLTVTPLLGNSTGSFFVVRHSDYSSEESTSYKLRLPTSAGSVTIPQLGGTLTLNGRDSKIHVTDYNVS
GTNIIYSTAEVFTWKKFADGKVLVLYGGAGEHHELAISTKSNVTVIEGSESGISSKQTSSSVVVGWDVSTTRRIIQVGDL
KILLLDRNSAYNYWVPQLATDGTSPGFSTPEKVASSIIVKAGYLVRTAYLKGSGLYLTADFNATTSVEVIGVPSTAKNLF
INGDKTSHTVDKNGIWSATVDYNAPDISLPSLKDLDWKYVDTLPEIQSSYDDSLWPAADLKQTKNTLRSLTTPTSLYSSD
YGFHTGYLLYRGHFTATGNESTFAIDTQGGSAFGSSVWLNGTYLGSWTGLYANSDYNATYNLPQLQAGKTYVITVVIDNM
GLEENWTVGEDLMKTPRGILNFLLAGRPSSAISWKLTGNLGGEDYEDKVRGPLNEGGLYAERQGFHQPEPPSQNWKSSSP
LEGLSEAGIGFYSASFDLDLPKGWDVPLFLNIGNSTTPSPYRVQVYVNGYQYAKYISNIGPQTSFPVPEGILNYRGTNWL
AVTLWALDSAGGKLESLELSYTTPVLTALGEVESVDQPKYKKRKGAYHHHHHH
;
_entity_poly.pdbx_strand_id   A
#
loop_
_chem_comp.id
_chem_comp.type
_chem_comp.name
_chem_comp.formula
BMA D-saccharide, beta linking beta-D-mannopyranose 'C6 H12 O6'
BTB non-polymer 2-[BIS-(2-HYDROXY-ETHYL)-AMINO]-2-HYDROXYMETHYL-PROPANE-1,3-DIOL 'C8 H19 N O5'
CL non-polymer 'CHLORIDE ION' 'Cl -1'
GOL non-polymer GLYCEROL 'C3 H8 O3'
MAN D-saccharide, alpha linking alpha-D-mannopyranose 'C6 H12 O6'
NAG D-saccharide, beta linking 2-acetamido-2-deoxy-beta-D-glucopyranose 'C8 H15 N O6'
SO4 non-polymer 'SULFATE ION' 'O4 S -2'
#
# COMPACT_ATOMS: atom_id res chain seq x y z
N LEU A 41 3.66 -30.04 12.41
CA LEU A 41 4.09 -31.33 11.80
C LEU A 41 5.18 -31.13 10.73
N LEU A 42 4.95 -30.20 9.79
CA LEU A 42 5.97 -29.89 8.76
C LEU A 42 7.15 -29.09 9.31
N GLN A 43 6.93 -28.28 10.35
CA GLN A 43 7.99 -27.52 11.01
C GLN A 43 7.50 -27.04 12.38
N LYS A 44 8.46 -26.66 13.24
CA LYS A 44 8.16 -26.27 14.62
C LYS A 44 8.48 -24.80 14.96
N TYR A 45 8.92 -24.03 13.97
CA TYR A 45 9.24 -22.62 14.18
C TYR A 45 7.98 -21.78 14.36
N VAL A 46 6.95 -22.08 13.57
CA VAL A 46 5.68 -21.37 13.59
C VAL A 46 4.58 -22.38 13.86
N THR A 47 3.99 -22.30 15.04
CA THR A 47 2.90 -23.19 15.45
C THR A 47 1.74 -22.32 15.93
N TRP A 48 0.63 -22.96 16.31
CA TRP A 48 -0.53 -22.22 16.77
C TRP A 48 -1.41 -23.07 17.66
N ASP A 49 -2.27 -22.39 18.42
CA ASP A 49 -3.41 -23.04 19.03
C ASP A 49 -4.64 -22.16 18.72
N ASP A 50 -5.72 -22.34 19.47
CA ASP A 50 -6.94 -21.56 19.24
C ASP A 50 -6.80 -20.05 19.53
N LYS A 51 -5.78 -19.64 20.31
CA LYS A 51 -5.60 -18.23 20.68
C LYS A 51 -4.61 -17.45 19.81
N SER A 52 -3.47 -18.04 19.49
CA SER A 52 -2.43 -17.28 18.78
C SER A 52 -1.43 -18.17 18.08
N LEU A 53 -0.63 -17.54 17.23
CA LEU A 53 0.60 -18.15 16.77
C LEU A 53 1.60 -18.23 17.91
N PHE A 54 2.50 -19.20 17.81
CA PHE A 54 3.71 -19.22 18.60
C PHE A 54 4.87 -19.16 17.60
N ILE A 55 5.83 -18.30 17.88
CA ILE A 55 7.09 -18.28 17.12
C ILE A 55 8.17 -18.77 18.08
N ASN A 56 8.79 -19.89 17.73
CA ASN A 56 9.74 -20.58 18.58
C ASN A 56 9.23 -20.79 20.02
N GLY A 57 8.00 -21.30 20.09
CA GLY A 57 7.38 -21.65 21.36
C GLY A 57 6.85 -20.50 22.20
N GLU A 58 6.86 -19.27 21.67
CA GLU A 58 6.41 -18.10 22.42
C GLU A 58 5.25 -17.43 21.69
N ARG A 59 4.18 -17.11 22.42
CA ARG A 59 3.01 -16.44 21.83
C ARG A 59 3.40 -15.07 21.29
N ILE A 60 2.77 -14.69 20.18
CA ILE A 60 2.97 -13.37 19.60
C ILE A 60 1.65 -12.92 18.98
N MET A 61 1.32 -11.65 19.13
CA MET A 61 0.21 -11.04 18.40
C MET A 61 0.79 -10.45 17.12
N ILE A 62 0.38 -10.99 15.97
CA ILE A 62 0.92 -10.52 14.69
C ILE A 62 0.15 -9.28 14.27
N PHE A 63 0.87 -8.17 14.17
CA PHE A 63 0.29 -6.90 13.76
C PHE A 63 1.12 -6.46 12.56
N SER A 64 0.46 -6.46 11.40
CA SER A 64 1.11 -6.43 10.10
C SER A 64 0.55 -5.30 9.23
N GLY A 65 1.39 -4.82 8.31
CA GLY A 65 0.99 -3.84 7.30
C GLY A 65 1.30 -4.34 5.90
N GLU A 66 0.38 -4.07 4.96
CA GLU A 66 0.57 -4.46 3.57
C GLU A 66 1.48 -3.47 2.83
N PHE A 67 2.45 -4.01 2.11
CA PHE A 67 3.47 -3.24 1.39
C PHE A 67 3.87 -4.07 0.17
N HIS A 68 3.74 -3.50 -1.02
CA HIS A 68 4.00 -4.21 -2.27
C HIS A 68 5.33 -3.77 -2.88
N PRO A 69 6.30 -4.71 -2.99
CA PRO A 69 7.64 -4.34 -3.44
C PRO A 69 7.68 -3.79 -4.86
N PHE A 70 6.78 -4.25 -5.71
CA PHE A 70 6.67 -3.76 -7.10
C PHE A 70 6.14 -2.31 -7.23
N ARG A 71 5.55 -1.78 -6.15
CA ARG A 71 5.07 -0.39 -6.11
C ARG A 71 6.07 0.61 -5.52
N LEU A 72 7.24 0.12 -5.10
CA LEU A 72 8.37 0.97 -4.66
C LEU A 72 9.67 0.24 -4.99
N PRO A 73 10.12 0.34 -6.26
CA PRO A 73 11.19 -0.52 -6.76
C PRO A 73 12.61 0.03 -6.48
N VAL A 74 12.83 0.53 -5.25
CA VAL A 74 14.12 1.11 -4.84
C VAL A 74 14.44 0.50 -3.47
N LYS A 75 15.47 -0.35 -3.41
CA LYS A 75 15.72 -1.17 -2.21
C LYS A 75 15.96 -0.38 -0.91
N GLU A 76 16.66 0.75 -1.01
CA GLU A 76 16.93 1.58 0.18
C GLU A 76 15.66 2.19 0.75
N LEU A 77 14.72 2.51 -0.12
CA LEU A 77 13.43 3.04 0.31
C LEU A 77 12.53 1.91 0.83
N GLN A 78 12.71 0.69 0.36
CA GLN A 78 12.00 -0.46 0.96
C GLN A 78 12.40 -0.63 2.43
N LEU A 79 13.69 -0.50 2.74
CA LEU A 79 14.13 -0.51 4.13
C LEU A 79 13.49 0.61 4.95
N ASP A 80 13.42 1.81 4.36
CA ASP A 80 12.76 2.95 5.01
C ASP A 80 11.35 2.59 5.47
N ILE A 81 10.56 2.01 4.57
CA ILE A 81 9.18 1.62 4.91
C ILE A 81 9.18 0.60 6.05
N PHE A 82 10.02 -0.44 5.95
CA PHE A 82 10.08 -1.45 7.02
C PHE A 82 10.40 -0.83 8.39
N GLN A 83 11.34 0.12 8.43
CA GLN A 83 11.70 0.79 9.68
C GLN A 83 10.57 1.64 10.23
N LYS A 84 9.81 2.28 9.34
CA LYS A 84 8.64 3.05 9.73
C LYS A 84 7.51 2.14 10.24
N VAL A 85 7.41 0.94 9.68
CA VAL A 85 6.46 -0.06 10.17
C VAL A 85 6.90 -0.60 11.55
N LYS A 86 8.17 -0.94 11.70
CA LYS A 86 8.67 -1.40 12.99
C LYS A 86 8.42 -0.33 14.08
N ALA A 87 8.55 0.94 13.72
CA ALA A 87 8.35 2.04 14.68
C ALA A 87 6.90 2.21 15.16
N LEU A 88 5.94 1.65 14.42
CA LEU A 88 4.55 1.53 14.91
C LEU A 88 4.35 0.52 16.03
N GLY A 89 5.35 -0.31 16.34
CA GLY A 89 5.18 -1.44 17.23
C GLY A 89 4.80 -2.71 16.48
N PHE A 90 4.72 -2.63 15.15
CA PHE A 90 4.32 -3.76 14.32
C PHE A 90 5.47 -4.76 14.23
N ASN A 91 5.15 -5.99 13.87
CA ASN A 91 6.15 -7.05 13.78
C ASN A 91 6.12 -7.81 12.45
N CYS A 92 5.32 -7.34 11.50
CA CYS A 92 5.08 -8.09 10.28
C CYS A 92 4.67 -7.18 9.12
N VAL A 93 5.00 -7.63 7.92
CA VAL A 93 4.52 -7.01 6.68
C VAL A 93 3.98 -8.12 5.78
N SER A 94 2.91 -7.83 5.07
CA SER A 94 2.31 -8.73 4.11
C SER A 94 2.54 -8.13 2.72
N PHE A 95 2.87 -8.98 1.74
CA PHE A 95 3.19 -8.50 0.40
C PHE A 95 2.65 -9.41 -0.68
N TYR A 96 2.24 -8.81 -1.79
CA TYR A 96 1.95 -9.50 -3.03
C TYR A 96 3.20 -9.56 -3.91
N VAL A 97 3.21 -10.56 -4.78
CA VAL A 97 4.08 -10.58 -5.95
C VAL A 97 3.17 -10.51 -7.17
N ASP A 98 3.56 -9.68 -8.15
CA ASP A 98 2.76 -9.42 -9.36
C ASP A 98 3.33 -10.24 -10.52
N TRP A 99 2.66 -11.34 -10.83
CA TRP A 99 3.03 -12.26 -11.90
C TRP A 99 3.21 -11.54 -13.26
N ALA A 100 2.29 -10.63 -13.58
CA ALA A 100 2.36 -9.87 -14.85
C ALA A 100 3.68 -9.12 -15.06
N LEU A 101 4.34 -8.71 -13.97
CA LEU A 101 5.63 -8.03 -14.04
C LEU A 101 6.83 -8.96 -14.14
N VAL A 102 6.68 -10.22 -13.72
CA VAL A 102 7.81 -11.15 -13.64
C VAL A 102 7.75 -12.34 -14.59
N GLU A 103 6.67 -12.48 -15.37
CA GLU A 103 6.65 -13.43 -16.50
C GLU A 103 5.89 -12.81 -17.67
N GLY A 104 6.34 -11.62 -18.08
CA GLY A 104 5.77 -10.94 -19.24
C GLY A 104 5.83 -11.76 -20.53
N LYS A 105 6.91 -12.51 -20.72
CA LYS A 105 7.01 -13.49 -21.79
C LYS A 105 6.74 -14.86 -21.21
N PRO A 106 5.75 -15.61 -21.75
CA PRO A 106 5.47 -16.94 -21.21
C PRO A 106 6.71 -17.83 -21.27
N GLY A 107 7.02 -18.49 -20.15
CA GLY A 107 8.20 -19.34 -20.04
C GLY A 107 9.49 -18.66 -19.64
N GLU A 108 9.49 -17.34 -19.46
CA GLU A 108 10.68 -16.61 -19.03
C GLU A 108 10.41 -15.85 -17.73
N TYR A 109 10.61 -16.51 -16.60
CA TYR A 109 10.48 -15.86 -15.30
C TYR A 109 11.66 -14.92 -15.09
N ARG A 110 11.36 -13.68 -14.71
CA ARG A 110 12.37 -12.65 -14.49
C ARG A 110 12.00 -11.82 -13.28
N ALA A 111 12.60 -12.12 -12.13
CA ALA A 111 12.40 -11.33 -10.93
C ALA A 111 13.78 -10.87 -10.45
N ASP A 112 14.40 -10.06 -11.29
CA ASP A 112 15.77 -9.56 -11.10
C ASP A 112 15.77 -8.04 -11.01
N GLY A 113 16.88 -7.49 -10.54
CA GLY A 113 17.07 -6.05 -10.50
C GLY A 113 16.03 -5.36 -9.63
N ILE A 114 15.27 -4.43 -10.22
CA ILE A 114 14.24 -3.72 -9.48
C ILE A 114 13.08 -4.64 -9.03
N PHE A 115 12.94 -5.79 -9.68
CA PHE A 115 11.93 -6.80 -9.32
C PHE A 115 12.44 -7.92 -8.39
N ASP A 116 13.70 -7.83 -7.96
CA ASP A 116 14.33 -8.85 -7.11
C ASP A 116 13.70 -8.80 -5.73
N LEU A 117 13.19 -9.94 -5.27
CA LEU A 117 12.56 -10.05 -3.96
C LEU A 117 13.58 -10.20 -2.85
N GLU A 118 14.78 -10.67 -3.16
CA GLU A 118 15.76 -10.98 -2.10
C GLU A 118 16.21 -9.76 -1.27
N PRO A 119 16.49 -8.61 -1.92
CA PRO A 119 16.81 -7.40 -1.13
C PRO A 119 15.65 -6.89 -0.28
N PHE A 120 14.42 -7.10 -0.77
CA PHE A 120 13.19 -6.81 -0.02
C PHE A 120 13.14 -7.66 1.26
N PHE A 121 13.40 -8.97 1.14
CA PHE A 121 13.44 -9.86 2.29
C PHE A 121 14.56 -9.50 3.26
N ASP A 122 15.73 -9.15 2.73
CA ASP A 122 16.85 -8.73 3.59
C ASP A 122 16.59 -7.41 4.32
N ALA A 123 15.85 -6.50 3.68
CA ALA A 123 15.42 -5.26 4.34
C ALA A 123 14.45 -5.57 5.49
N ALA A 124 13.55 -6.52 5.29
CA ALA A 124 12.65 -6.95 6.37
C ALA A 124 13.44 -7.52 7.55
N SER A 125 14.40 -8.40 7.25
CA SER A 125 15.28 -8.96 8.27
C SER A 125 16.03 -7.86 9.04
N GLU A 126 16.62 -6.91 8.31
CA GLU A 126 17.37 -5.80 8.92
C GLU A 126 16.51 -4.94 9.85
N ALA A 127 15.26 -4.70 9.42
CA ALA A 127 14.32 -3.90 10.20
C ALA A 127 13.68 -4.66 11.36
N GLY A 128 13.80 -5.99 11.38
CA GLY A 128 13.20 -6.81 12.41
C GLY A 128 11.73 -7.08 12.16
N ILE A 129 11.36 -7.28 10.90
CA ILE A 129 9.97 -7.45 10.47
C ILE A 129 9.81 -8.84 9.83
N TYR A 130 8.90 -9.64 10.38
CA TYR A 130 8.50 -10.90 9.78
C TYR A 130 7.66 -10.64 8.53
N LEU A 131 7.49 -11.64 7.68
CA LEU A 131 6.70 -11.49 6.46
C LEU A 131 5.63 -12.56 6.25
N LEU A 132 4.50 -12.09 5.72
CA LEU A 132 3.43 -12.92 5.16
C LEU A 132 3.55 -12.80 3.64
N ALA A 133 3.89 -13.89 2.98
CA ALA A 133 4.10 -13.92 1.53
C ALA A 133 2.80 -14.28 0.81
N ARG A 134 2.40 -13.44 -0.16
CA ARG A 134 1.14 -13.63 -0.89
C ARG A 134 1.41 -13.57 -2.40
N PRO A 135 1.96 -14.65 -2.98
CA PRO A 135 2.36 -14.58 -4.39
C PRO A 135 1.26 -14.85 -5.42
N GLY A 136 0.03 -15.11 -4.97
CA GLY A 136 -1.07 -15.36 -5.90
C GLY A 136 -1.14 -16.84 -6.24
N PRO A 137 -1.13 -17.25 -7.52
CA PRO A 137 -0.91 -16.42 -8.72
C PRO A 137 -1.85 -15.24 -8.92
N TYR A 138 -3.12 -15.39 -8.61
CA TYR A 138 -4.06 -14.28 -8.66
C TYR A 138 -3.90 -13.43 -7.40
N ILE A 139 -3.70 -12.11 -7.56
CA ILE A 139 -3.58 -11.20 -6.41
C ILE A 139 -4.64 -10.09 -6.32
N ASN A 140 -5.37 -9.82 -7.41
CA ASN A 140 -6.30 -8.68 -7.47
C ASN A 140 -5.47 -7.39 -7.33
N ALA A 141 -5.46 -6.77 -6.14
CA ALA A 141 -4.48 -5.73 -5.78
C ALA A 141 -4.62 -4.39 -6.55
N GLU A 142 -5.77 -4.17 -7.19
CA GLU A 142 -5.95 -3.03 -8.07
C GLU A 142 -4.79 -2.94 -9.09
N SER A 143 -4.35 -4.11 -9.57
CA SER A 143 -3.24 -4.24 -10.51
C SER A 143 -3.77 -4.76 -11.84
N SER A 144 -3.06 -4.48 -12.92
CA SER A 144 -3.45 -4.93 -14.25
C SER A 144 -3.57 -6.45 -14.26
N GLY A 145 -4.72 -6.94 -14.74
CA GLY A 145 -5.03 -8.36 -14.81
C GLY A 145 -5.30 -9.01 -13.47
N GLY A 146 -5.40 -8.20 -12.40
CA GLY A 146 -5.33 -8.73 -11.04
C GLY A 146 -4.07 -9.56 -10.80
N GLY A 147 -2.98 -9.21 -11.47
CA GLY A 147 -1.74 -9.98 -11.41
C GLY A 147 -1.50 -10.89 -12.60
N PHE A 148 -2.55 -11.31 -13.30
CA PHE A 148 -2.41 -12.17 -14.46
C PHE A 148 -1.77 -11.46 -15.65
N PRO A 149 -0.71 -12.06 -16.24
CA PRO A 149 -0.17 -11.55 -17.51
C PRO A 149 -1.19 -11.62 -18.64
N GLY A 150 -1.11 -10.68 -19.57
CA GLY A 150 -2.06 -10.61 -20.68
C GLY A 150 -2.15 -11.83 -21.56
N TRP A 151 -1.09 -12.65 -21.59
CA TRP A 151 -1.16 -13.91 -22.35
C TRP A 151 -2.14 -14.94 -21.80
N LEU A 152 -2.66 -14.75 -20.58
CA LEU A 152 -3.79 -15.57 -20.11
C LEU A 152 -5.09 -15.33 -20.89
N GLN A 153 -5.16 -14.25 -21.65
CA GLN A 153 -6.28 -14.08 -22.61
C GLN A 153 -6.28 -15.11 -23.75
N ARG A 154 -5.20 -15.87 -23.89
CA ARG A 154 -5.11 -16.93 -24.89
C ARG A 154 -5.21 -18.35 -24.30
N VAL A 155 -5.51 -18.46 -23.01
CA VAL A 155 -5.60 -19.75 -22.34
C VAL A 155 -7.00 -20.35 -22.55
N ASN A 156 -7.05 -21.55 -23.10
CA ASN A 156 -8.33 -22.21 -23.35
C ASN A 156 -8.77 -23.01 -22.12
N GLY A 157 -9.25 -22.26 -21.13
CA GLY A 157 -9.62 -22.82 -19.84
C GLY A 157 -10.04 -21.70 -18.93
N THR A 158 -10.85 -22.03 -17.93
CA THR A 158 -11.37 -21.06 -16.98
C THR A 158 -10.25 -20.64 -16.02
N LEU A 159 -10.07 -19.34 -15.84
CA LEU A 159 -9.02 -18.83 -14.96
C LEU A 159 -9.42 -19.13 -13.52
N ARG A 160 -8.43 -19.46 -12.70
CA ARG A 160 -8.63 -19.81 -11.29
C ARG A 160 -9.50 -21.06 -11.13
N SER A 161 -9.36 -22.02 -12.05
CA SER A 161 -10.08 -23.28 -12.00
C SER A 161 -9.12 -24.44 -12.14
N SER A 162 -9.63 -25.65 -11.96
CA SER A 162 -8.83 -26.86 -12.12
C SER A 162 -8.66 -27.28 -13.60
N ASP A 163 -9.17 -26.48 -14.54
CA ASP A 163 -8.90 -26.70 -15.98
C ASP A 163 -7.40 -26.77 -16.23
N LYS A 164 -6.97 -27.81 -16.96
CA LYS A 164 -5.54 -28.08 -17.14
C LYS A 164 -4.80 -26.92 -17.81
N ALA A 165 -5.43 -26.26 -18.78
CA ALA A 165 -4.79 -25.16 -19.50
C ALA A 165 -4.44 -24.01 -18.56
N TYR A 166 -5.32 -23.71 -17.61
CA TYR A 166 -5.03 -22.67 -16.61
C TYR A 166 -3.93 -23.14 -15.64
N LEU A 167 -4.12 -24.32 -15.04
CA LEU A 167 -3.14 -24.81 -14.06
C LEU A 167 -1.73 -24.89 -14.66
N ASP A 168 -1.62 -25.44 -15.87
CA ASP A 168 -0.35 -25.51 -16.60
C ASP A 168 0.28 -24.13 -16.80
N ALA A 169 -0.53 -23.14 -17.11
CA ALA A 169 -0.06 -21.77 -17.30
C ALA A 169 0.60 -21.17 -16.06
N THR A 170 0.18 -21.61 -14.87
CA THR A 170 0.69 -21.07 -13.60
C THR A 170 1.96 -21.77 -13.09
N ASP A 171 2.29 -22.95 -13.63
CA ASP A 171 3.32 -23.80 -13.00
C ASP A 171 4.71 -23.17 -12.97
N ASN A 172 5.13 -22.56 -14.08
CA ASN A 172 6.46 -21.95 -14.15
C ASN A 172 6.60 -20.80 -13.15
N TYR A 173 5.58 -19.95 -13.10
CA TYR A 173 5.58 -18.83 -12.15
C TYR A 173 5.68 -19.31 -10.71
N VAL A 174 4.82 -20.24 -10.31
CA VAL A 174 4.77 -20.64 -8.90
C VAL A 174 6.04 -21.40 -8.51
N SER A 175 6.52 -22.28 -9.39
CA SER A 175 7.74 -23.04 -9.10
C SER A 175 8.94 -22.10 -8.85
N HIS A 176 8.97 -20.95 -9.53
CA HIS A 176 10.01 -19.95 -9.30
C HIS A 176 9.76 -19.10 -8.04
N VAL A 177 8.62 -18.43 -7.98
CA VAL A 177 8.36 -17.49 -6.87
C VAL A 177 8.29 -18.20 -5.50
N ALA A 178 7.67 -19.39 -5.46
CA ALA A 178 7.57 -20.14 -4.21
C ALA A 178 8.92 -20.70 -3.77
N ALA A 179 9.81 -20.99 -4.72
CA ALA A 179 11.19 -21.39 -4.38
C ALA A 179 11.95 -20.26 -3.70
N THR A 180 11.82 -19.05 -4.22
CA THR A 180 12.43 -17.86 -3.63
C THR A 180 11.86 -17.62 -2.23
N ILE A 181 10.54 -17.68 -2.10
CA ILE A 181 9.88 -17.57 -0.79
C ILE A 181 10.39 -18.68 0.16
N ALA A 182 10.46 -19.91 -0.33
CA ALA A 182 10.90 -21.05 0.48
C ALA A 182 12.30 -20.82 1.07
N LYS A 183 13.19 -20.27 0.23
CA LYS A 183 14.57 -19.96 0.64
C LYS A 183 14.63 -19.03 1.86
N TYR A 184 13.68 -18.09 1.95
CA TYR A 184 13.66 -17.07 3.01
C TYR A 184 12.65 -17.33 4.13
N GLN A 185 12.19 -18.57 4.25
CA GLN A 185 11.36 -18.96 5.40
C GLN A 185 12.13 -18.83 6.71
N ILE A 186 11.39 -18.55 7.79
CA ILE A 186 11.97 -18.57 9.15
C ILE A 186 12.68 -19.88 9.49
N THR A 187 12.22 -20.99 8.93
CA THR A 187 12.89 -22.29 9.08
C THR A 187 14.35 -22.30 8.58
N ASN A 188 14.68 -21.42 7.63
CA ASN A 188 16.03 -21.25 7.09
C ASN A 188 16.76 -20.00 7.59
N GLY A 189 16.27 -19.40 8.67
CA GLY A 189 16.85 -18.16 9.22
C GLY A 189 16.36 -16.88 8.56
N GLY A 190 15.31 -16.97 7.74
CA GLY A 190 14.74 -15.80 7.07
C GLY A 190 13.56 -15.20 7.83
N PRO A 191 12.92 -14.18 7.22
CA PRO A 191 11.81 -13.49 7.88
C PRO A 191 10.40 -14.04 7.61
N ILE A 192 10.23 -14.97 6.65
CA ILE A 192 8.89 -15.32 6.17
C ILE A 192 8.25 -16.38 7.07
N ILE A 193 7.11 -16.02 7.65
CA ILE A 193 6.44 -16.85 8.66
C ILE A 193 5.11 -17.48 8.21
N LEU A 194 4.45 -16.88 7.21
CA LEU A 194 3.16 -17.35 6.72
C LEU A 194 3.12 -17.21 5.20
N TYR A 195 2.29 -18.04 4.57
CA TYR A 195 2.15 -18.07 3.11
C TYR A 195 0.67 -18.12 2.76
N GLN A 196 0.23 -17.23 1.88
CA GLN A 196 -1.12 -17.24 1.38
C GLN A 196 -1.17 -17.80 -0.05
N PRO A 197 -1.86 -18.94 -0.25
CA PRO A 197 -2.10 -19.40 -1.61
C PRO A 197 -3.37 -18.76 -2.17
N GLU A 198 -3.36 -18.34 -3.43
CA GLU A 198 -4.53 -17.76 -4.07
C GLU A 198 -4.89 -16.41 -3.40
N ASN A 199 -6.08 -15.89 -3.63
CA ASN A 199 -6.49 -14.61 -3.06
C ASN A 199 -8.00 -14.45 -3.12
N GLU A 200 -8.63 -14.35 -1.96
CA GLU A 200 -10.09 -14.16 -1.87
C GLU A 200 -10.82 -15.16 -2.77
N TYR A 201 -10.49 -16.43 -2.59
CA TYR A 201 -11.14 -17.52 -3.30
C TYR A 201 -12.48 -17.73 -2.60
N THR A 202 -13.48 -16.99 -3.08
CA THR A 202 -14.72 -16.73 -2.34
C THR A 202 -16.00 -16.74 -3.19
N SER A 203 -15.89 -16.39 -4.48
CA SER A 203 -17.05 -16.21 -5.35
C SER A 203 -16.83 -16.97 -6.65
N GLY A 204 -17.83 -17.74 -7.05
CA GLY A 204 -17.81 -18.47 -8.31
C GLY A 204 -19.10 -18.29 -9.08
N CYS A 205 -19.04 -18.57 -10.38
CA CYS A 205 -20.22 -18.49 -11.23
C CYS A 205 -20.02 -19.36 -12.46
N CYS A 206 -21.03 -19.34 -13.33
CA CYS A 206 -20.84 -19.64 -14.74
C CYS A 206 -20.37 -21.09 -14.99
N GLY A 207 -20.91 -22.02 -14.20
CA GLY A 207 -20.62 -23.44 -14.34
C GLY A 207 -19.58 -24.02 -13.38
N VAL A 208 -18.81 -23.17 -12.70
CA VAL A 208 -17.80 -23.65 -11.76
C VAL A 208 -18.51 -24.17 -10.51
N GLU A 209 -18.16 -25.39 -10.09
CA GLU A 209 -18.68 -25.95 -8.85
C GLU A 209 -17.83 -25.42 -7.71
N PHE A 210 -18.13 -24.19 -7.30
CA PHE A 210 -17.34 -23.48 -6.31
C PHE A 210 -17.82 -23.84 -4.88
N PRO A 211 -16.93 -24.00 -3.90
CA PRO A 211 -15.47 -23.97 -4.05
C PRO A 211 -14.95 -25.33 -4.54
N ASP A 212 -13.93 -25.30 -5.38
CA ASP A 212 -13.38 -26.53 -5.96
C ASP A 212 -12.22 -27.01 -5.08
N PRO A 213 -12.43 -28.12 -4.33
CA PRO A 213 -11.35 -28.59 -3.44
C PRO A 213 -10.10 -29.08 -4.19
N VAL A 214 -10.29 -29.64 -5.38
CA VAL A 214 -9.17 -30.10 -6.22
C VAL A 214 -8.31 -28.90 -6.64
N TYR A 215 -8.97 -27.80 -6.98
CA TYR A 215 -8.27 -26.58 -7.39
C TYR A 215 -7.41 -26.03 -6.24
N MET A 216 -8.00 -25.77 -5.08
CA MET A 216 -7.23 -25.21 -3.97
C MET A 216 -6.15 -26.18 -3.48
N GLN A 217 -6.42 -27.48 -3.48
CA GLN A 217 -5.39 -28.45 -3.14
C GLN A 217 -4.20 -28.38 -4.10
N TYR A 218 -4.48 -28.23 -5.40
CA TYR A 218 -3.42 -28.07 -6.40
C TYR A 218 -2.58 -26.82 -6.11
N VAL A 219 -3.24 -25.70 -5.80
CA VAL A 219 -2.55 -24.45 -5.53
C VAL A 219 -1.68 -24.59 -4.27
N GLU A 220 -2.21 -25.24 -3.25
CA GLU A 220 -1.47 -25.48 -2.01
C GLU A 220 -0.29 -26.42 -2.27
N ASP A 221 -0.51 -27.47 -3.05
CA ASP A 221 0.57 -28.40 -3.39
C ASP A 221 1.69 -27.77 -4.21
N GLN A 222 1.37 -26.81 -5.08
CA GLN A 222 2.42 -26.08 -5.80
C GLN A 222 3.41 -25.43 -4.86
N ALA A 223 2.89 -24.80 -3.80
CA ALA A 223 3.73 -24.13 -2.81
C ALA A 223 4.56 -25.14 -2.01
N ARG A 224 3.89 -26.20 -1.55
CA ARG A 224 4.56 -27.26 -0.79
C ARG A 224 5.64 -27.95 -1.63
N ASN A 225 5.34 -28.22 -2.90
CA ASN A 225 6.32 -28.83 -3.82
C ASN A 225 7.56 -27.98 -4.07
N ALA A 226 7.43 -26.66 -3.91
CA ALA A 226 8.56 -25.73 -4.05
C ALA A 226 9.38 -25.53 -2.77
N GLY A 227 9.01 -26.20 -1.68
CA GLY A 227 9.75 -26.21 -0.43
C GLY A 227 9.14 -25.39 0.70
N VAL A 228 7.93 -24.85 0.48
CA VAL A 228 7.26 -24.07 1.51
C VAL A 228 6.71 -25.02 2.56
N VAL A 229 7.20 -24.89 3.79
CA VAL A 229 6.77 -25.71 4.95
C VAL A 229 6.03 -24.91 6.02
N ILE A 230 6.14 -23.58 5.98
CA ILE A 230 5.42 -22.70 6.91
C ILE A 230 3.90 -22.80 6.72
N PRO A 231 3.13 -22.33 7.71
CA PRO A 231 1.68 -22.48 7.60
C PRO A 231 1.04 -21.69 6.45
N LEU A 232 0.04 -22.32 5.82
CA LEU A 232 -0.75 -21.68 4.79
C LEU A 232 -1.98 -21.03 5.41
N ILE A 233 -2.24 -19.81 4.99
CA ILE A 233 -3.34 -19.00 5.52
C ILE A 233 -4.11 -18.44 4.33
N ASN A 234 -5.44 -18.50 4.36
CA ASN A 234 -6.25 -17.91 3.29
C ASN A 234 -6.81 -16.54 3.68
N ASN A 235 -7.50 -15.90 2.74
CA ASN A 235 -8.08 -14.58 2.97
C ASN A 235 -9.43 -14.50 2.27
N ASP A 236 -10.36 -15.30 2.78
CA ASP A 236 -11.75 -15.33 2.31
C ASP A 236 -12.29 -13.90 2.28
N ALA A 237 -12.89 -13.46 1.17
CA ALA A 237 -13.35 -12.05 1.06
C ALA A 237 -14.40 -11.70 2.10
N SER A 238 -15.23 -12.68 2.44
CA SER A 238 -16.18 -12.58 3.54
C SER A 238 -15.91 -13.73 4.48
N ALA A 239 -16.46 -13.65 5.69
CA ALA A 239 -16.42 -14.76 6.63
C ALA A 239 -17.39 -15.84 6.13
N SER A 240 -16.92 -16.64 5.17
CA SER A 240 -17.73 -17.66 4.48
C SER A 240 -17.24 -19.08 4.74
N GLY A 241 -16.21 -19.23 5.56
CA GLY A 241 -15.65 -20.53 5.90
C GLY A 241 -14.94 -21.31 4.80
N ASN A 242 -14.65 -20.68 3.66
CA ASN A 242 -14.02 -21.41 2.56
C ASN A 242 -12.62 -21.88 2.95
N ASN A 243 -12.35 -23.15 2.67
CA ASN A 243 -11.04 -23.76 2.89
C ASN A 243 -10.58 -23.79 4.35
N ALA A 244 -11.53 -23.68 5.28
CA ALA A 244 -11.20 -23.70 6.70
C ALA A 244 -10.72 -25.10 7.09
N PRO A 245 -9.87 -25.20 8.12
CA PRO A 245 -9.54 -26.51 8.67
C PRO A 245 -10.79 -27.33 8.96
N GLY A 246 -10.78 -28.61 8.60
CA GLY A 246 -11.95 -29.47 8.72
C GLY A 246 -12.80 -29.60 7.47
N THR A 247 -12.53 -28.78 6.44
CA THR A 247 -13.25 -28.88 5.17
C THR A 247 -12.68 -29.97 4.24
N GLY A 248 -11.59 -30.61 4.65
CA GLY A 248 -11.01 -31.73 3.90
C GLY A 248 -10.02 -31.27 2.84
N LYS A 249 -10.10 -31.89 1.66
CA LYS A 249 -9.22 -31.55 0.54
C LYS A 249 -9.28 -30.05 0.25
N GLY A 250 -8.11 -29.42 0.11
CA GLY A 250 -8.03 -27.98 -0.16
C GLY A 250 -8.03 -27.08 1.05
N ALA A 251 -8.08 -27.66 2.25
CA ALA A 251 -8.07 -26.84 3.48
C ALA A 251 -6.70 -26.23 3.70
N VAL A 252 -6.69 -24.97 4.15
CA VAL A 252 -5.45 -24.31 4.58
C VAL A 252 -5.19 -24.65 6.05
N ASP A 253 -4.04 -24.19 6.58
CA ASP A 253 -3.70 -24.42 7.98
C ASP A 253 -4.43 -23.48 8.93
N ILE A 254 -4.50 -22.20 8.56
CA ILE A 254 -5.15 -21.17 9.38
C ILE A 254 -6.18 -20.47 8.50
N TYR A 255 -7.43 -20.45 8.95
CA TYR A 255 -8.49 -19.75 8.23
C TYR A 255 -8.36 -18.24 8.47
N GLY A 256 -8.33 -17.47 7.38
CA GLY A 256 -8.35 -16.00 7.48
C GLY A 256 -9.44 -15.44 6.59
N HIS A 257 -9.89 -14.24 6.92
CA HIS A 257 -10.82 -13.52 6.06
C HIS A 257 -10.47 -12.04 6.03
N ASP A 258 -11.14 -11.31 5.15
CA ASP A 258 -10.90 -9.88 4.96
C ASP A 258 -12.09 -9.08 5.43
N SER A 259 -11.87 -7.78 5.61
CA SER A 259 -12.93 -6.86 6.03
C SER A 259 -12.57 -5.42 5.68
N TYR A 260 -13.47 -4.76 4.93
CA TYR A 260 -13.34 -3.34 4.59
C TYR A 260 -14.66 -2.67 4.95
N PRO A 261 -14.92 -2.57 6.27
CA PRO A 261 -16.28 -2.31 6.73
C PRO A 261 -16.77 -0.87 6.56
N LEU A 262 -15.87 0.11 6.53
CA LEU A 262 -16.27 1.50 6.35
C LEU A 262 -16.45 1.86 4.88
N GLY A 263 -16.01 0.99 3.98
CA GLY A 263 -16.25 1.16 2.56
C GLY A 263 -15.37 2.22 1.95
N PHE A 264 -15.82 2.78 0.82
CA PHE A 264 -14.94 3.50 -0.10
C PHE A 264 -15.49 4.85 -0.56
N ASP A 265 -16.44 5.41 0.19
CA ASP A 265 -17.04 6.69 -0.19
C ASP A 265 -16.18 7.85 0.33
N CYS A 266 -15.01 8.00 -0.27
CA CYS A 266 -14.00 9.02 0.12
C CYS A 266 -14.54 10.45 -0.05
N ALA A 267 -15.52 10.65 -0.94
CA ALA A 267 -16.14 11.97 -1.13
C ALA A 267 -16.96 12.47 0.08
N ASN A 268 -17.38 11.56 0.95
CA ASN A 268 -18.07 11.90 2.19
C ASN A 268 -17.29 11.35 3.38
N PRO A 269 -16.11 11.93 3.66
CA PRO A 269 -15.20 11.31 4.63
C PRO A 269 -15.63 11.36 6.10
N THR A 270 -16.61 12.19 6.45
CA THR A 270 -17.11 12.23 7.83
C THR A 270 -18.32 11.31 8.08
N VAL A 271 -18.81 10.65 7.03
CA VAL A 271 -20.02 9.84 7.15
C VAL A 271 -19.67 8.39 7.50
N TRP A 272 -20.16 7.96 8.66
CA TRP A 272 -20.01 6.59 9.14
C TRP A 272 -21.39 5.94 9.09
N PRO A 273 -21.72 5.23 7.99
CA PRO A 273 -23.08 4.69 7.83
C PRO A 273 -23.49 3.69 8.91
N SER A 274 -24.78 3.64 9.23
CA SER A 274 -25.29 2.72 10.23
C SER A 274 -25.03 1.27 9.81
N GLY A 275 -24.68 0.44 10.79
CA GLY A 275 -24.40 -0.97 10.55
C GLY A 275 -23.03 -1.32 10.00
N ASP A 276 -22.16 -0.34 9.80
CA ASP A 276 -20.83 -0.61 9.23
C ASP A 276 -19.83 -1.17 10.23
N LEU A 277 -20.04 -1.01 11.55
CA LEU A 277 -19.10 -1.55 12.52
C LEU A 277 -19.39 -3.05 12.73
N PRO A 278 -18.40 -3.93 12.47
CA PRO A 278 -18.64 -5.35 12.72
C PRO A 278 -18.84 -5.68 14.20
N THR A 279 -19.79 -6.56 14.50
CA THR A 279 -19.99 -7.06 15.86
C THR A 279 -19.94 -8.58 16.01
N ASN A 280 -20.09 -9.33 14.92
CA ASN A 280 -20.27 -10.79 14.99
C ASN A 280 -19.01 -11.61 14.67
N PHE A 281 -17.87 -10.94 14.50
CA PHE A 281 -16.69 -11.62 13.97
C PHE A 281 -16.16 -12.77 14.83
N ARG A 282 -16.18 -12.64 16.15
CA ARG A 282 -15.76 -13.75 17.01
C ARG A 282 -16.79 -14.88 16.94
N THR A 283 -18.07 -14.54 16.96
CA THR A 283 -19.12 -15.54 16.82
C THR A 283 -18.93 -16.37 15.54
N LEU A 284 -18.67 -15.69 14.42
CA LEU A 284 -18.41 -16.39 13.16
C LEU A 284 -17.14 -17.24 13.23
N HIS A 285 -16.09 -16.69 13.85
CA HIS A 285 -14.82 -17.41 14.01
C HIS A 285 -14.98 -18.75 14.73
N LEU A 286 -15.73 -18.74 15.83
CA LEU A 286 -15.95 -19.96 16.59
C LEU A 286 -16.79 -21.00 15.83
N GLU A 287 -17.65 -20.55 14.92
CA GLU A 287 -18.38 -21.46 14.02
C GLU A 287 -17.52 -22.00 12.88
N GLN A 288 -16.65 -21.16 12.34
CA GLN A 288 -15.96 -21.45 11.06
C GLN A 288 -14.58 -22.08 11.21
N SER A 289 -13.79 -21.63 12.19
CA SER A 289 -12.48 -22.20 12.44
C SER A 289 -12.04 -22.03 13.90
N PRO A 290 -12.74 -22.72 14.82
CA PRO A 290 -12.45 -22.54 16.25
C PRO A 290 -11.06 -23.01 16.70
N THR A 291 -10.41 -23.90 15.95
CA THR A 291 -9.10 -24.43 16.37
C THR A 291 -7.90 -23.55 16.00
N THR A 292 -8.11 -22.47 15.24
CA THR A 292 -7.01 -21.61 14.80
C THR A 292 -7.18 -20.19 15.32
N PRO A 293 -6.07 -19.42 15.39
CA PRO A 293 -6.15 -18.04 15.90
C PRO A 293 -7.02 -17.16 15.00
N TYR A 294 -7.78 -16.24 15.59
CA TYR A 294 -8.63 -15.38 14.78
C TYR A 294 -7.75 -14.42 13.95
N ALA A 295 -7.98 -14.41 12.64
CA ALA A 295 -7.10 -13.74 11.70
C ALA A 295 -7.89 -12.93 10.68
N ILE A 296 -7.57 -11.64 10.56
CA ILE A 296 -8.05 -10.83 9.46
C ILE A 296 -6.83 -10.50 8.62
N VAL A 297 -6.76 -11.08 7.42
CA VAL A 297 -5.59 -10.98 6.56
C VAL A 297 -5.55 -9.66 5.78
N GLU A 298 -6.72 -9.08 5.50
CA GLU A 298 -6.78 -7.70 5.03
C GLU A 298 -7.86 -6.99 5.80
N PHE A 299 -7.44 -6.12 6.71
CA PHE A 299 -8.35 -5.19 7.32
C PHE A 299 -8.07 -3.81 6.76
N GLN A 300 -9.15 -3.10 6.45
CA GLN A 300 -9.08 -1.78 5.82
C GLN A 300 -8.09 -0.83 6.49
N GLY A 301 -7.13 -0.34 5.71
CA GLY A 301 -6.19 0.69 6.13
C GLY A 301 -6.25 1.94 5.28
N GLY A 302 -7.24 2.01 4.40
CA GLY A 302 -7.36 3.10 3.44
C GLY A 302 -8.41 2.76 2.41
N SER A 303 -8.30 3.35 1.23
CA SER A 303 -9.25 3.10 0.15
C SER A 303 -8.60 3.32 -1.20
N TYR A 304 -9.08 2.59 -2.20
CA TYR A 304 -8.75 2.87 -3.60
C TYR A 304 -9.50 4.15 -4.02
N ASP A 305 -9.02 4.76 -5.11
CA ASP A 305 -9.68 5.91 -5.71
C ASP A 305 -9.62 5.73 -7.23
N PRO A 306 -10.77 5.82 -7.92
CA PRO A 306 -10.74 5.63 -9.37
C PRO A 306 -10.41 6.90 -10.14
N TRP A 307 -10.18 6.76 -11.45
CA TRP A 307 -10.14 7.91 -12.37
C TRP A 307 -11.36 8.77 -12.10
N GLY A 308 -11.15 10.07 -12.02
CA GLY A 308 -12.21 11.02 -11.75
C GLY A 308 -12.71 11.08 -10.32
N GLY A 309 -12.07 10.34 -9.40
CA GLY A 309 -12.48 10.31 -8.00
C GLY A 309 -12.07 11.54 -7.23
N PRO A 310 -12.46 11.60 -5.94
CA PRO A 310 -12.15 12.79 -5.11
C PRO A 310 -10.68 12.97 -4.73
N GLY A 311 -9.86 11.93 -4.87
CA GLY A 311 -8.43 11.98 -4.54
C GLY A 311 -8.12 11.24 -3.25
N PHE A 312 -6.85 10.84 -3.11
CA PHE A 312 -6.43 10.09 -1.92
C PHE A 312 -6.34 10.92 -0.65
N ALA A 313 -6.24 12.24 -0.77
CA ALA A 313 -6.31 13.10 0.41
C ALA A 313 -7.66 12.89 1.12
N ALA A 314 -8.74 12.82 0.33
CA ALA A 314 -10.07 12.49 0.86
C ALA A 314 -10.13 11.09 1.46
N CYS A 315 -9.51 10.11 0.80
CA CYS A 315 -9.47 8.75 1.37
C CYS A 315 -8.76 8.72 2.72
N SER A 316 -7.67 9.48 2.86
CA SER A 316 -6.96 9.56 4.15
C SER A 316 -7.83 10.19 5.26
N GLU A 317 -8.74 11.09 4.88
CA GLU A 317 -9.70 11.67 5.83
C GLU A 317 -10.77 10.68 6.26
N LEU A 318 -11.25 9.85 5.33
CA LEU A 318 -12.22 8.81 5.67
C LEU A 318 -11.60 7.78 6.63
N LEU A 319 -10.45 7.24 6.26
CA LEU A 319 -9.76 6.25 7.10
C LEU A 319 -8.71 6.92 7.98
N ASN A 320 -9.13 7.90 8.77
CA ASN A 320 -8.21 8.70 9.58
C ASN A 320 -7.98 8.09 10.97
N ASN A 321 -7.38 8.86 11.88
CA ASN A 321 -7.10 8.42 13.26
C ASN A 321 -8.34 7.97 14.03
N GLU A 322 -9.48 8.60 13.76
CA GLU A 322 -10.74 8.23 14.44
C GLU A 322 -11.26 6.89 13.99
N PHE A 323 -11.24 6.65 12.68
CA PHE A 323 -11.52 5.33 12.13
C PHE A 323 -10.64 4.27 12.79
N GLU A 324 -9.34 4.54 12.89
CA GLU A 324 -8.41 3.57 13.45
C GLU A 324 -8.73 3.23 14.88
N ARG A 325 -8.88 4.24 15.73
CA ARG A 325 -9.05 3.97 17.15
C ARG A 325 -10.37 3.26 17.44
N VAL A 326 -11.44 3.57 16.71
CA VAL A 326 -12.72 2.88 16.89
C VAL A 326 -12.70 1.49 16.24
N PHE A 327 -12.35 1.41 14.95
CA PHE A 327 -12.45 0.13 14.23
C PHE A 327 -11.34 -0.87 14.59
N TYR A 328 -10.12 -0.41 14.82
CA TYR A 328 -9.03 -1.34 15.14
C TYR A 328 -9.15 -1.87 16.56
N LYS A 329 -9.52 -1.02 17.51
CA LYS A 329 -9.78 -1.51 18.87
C LYS A 329 -11.00 -2.44 18.89
N ASN A 330 -11.97 -2.21 18.01
CA ASN A 330 -13.09 -3.13 17.84
C ASN A 330 -12.61 -4.52 17.42
N ASP A 331 -11.58 -4.60 16.55
CA ASP A 331 -10.98 -5.90 16.20
C ASP A 331 -10.32 -6.60 17.38
N PHE A 332 -9.70 -5.81 18.27
CA PHE A 332 -9.16 -6.33 19.53
C PHE A 332 -10.26 -6.89 20.44
N SER A 333 -11.47 -6.34 20.35
CA SER A 333 -12.62 -6.90 21.09
C SER A 333 -12.95 -8.35 20.72
N PHE A 334 -12.55 -8.78 19.51
CA PHE A 334 -12.72 -10.16 19.06
C PHE A 334 -11.53 -11.07 19.38
N GLN A 335 -10.53 -10.54 20.08
CA GLN A 335 -9.26 -11.23 20.32
C GLN A 335 -8.56 -11.64 19.02
N ILE A 336 -8.51 -10.69 18.10
CA ILE A 336 -7.73 -10.87 16.87
C ILE A 336 -6.27 -11.13 17.25
N ALA A 337 -5.69 -12.18 16.68
CA ALA A 337 -4.29 -12.55 16.93
C ALA A 337 -3.38 -12.36 15.71
N ILE A 338 -3.96 -12.28 14.52
CA ILE A 338 -3.26 -11.96 13.28
C ILE A 338 -4.06 -10.88 12.57
N MET A 339 -3.48 -9.68 12.46
CA MET A 339 -4.18 -8.53 11.90
C MET A 339 -3.25 -7.82 10.92
N ASN A 340 -3.64 -7.79 9.64
CA ASN A 340 -2.84 -7.11 8.61
C ASN A 340 -3.65 -5.99 8.00
N LEU A 341 -3.07 -4.79 7.93
CA LEU A 341 -3.73 -3.61 7.40
C LEU A 341 -3.39 -3.40 5.92
N TYR A 342 -4.41 -3.44 5.07
CA TYR A 342 -4.28 -3.21 3.64
C TYR A 342 -4.75 -1.77 3.34
N MET A 343 -3.88 -0.81 2.95
CA MET A 343 -2.42 -0.87 2.87
C MET A 343 -1.84 -0.12 4.07
N ILE A 344 -0.58 -0.41 4.41
CA ILE A 344 0.18 0.45 5.33
C ILE A 344 0.98 1.51 4.56
N PHE A 345 1.46 1.13 3.39
CA PHE A 345 2.11 2.03 2.45
C PHE A 345 1.71 1.53 1.07
N GLY A 346 1.09 2.39 0.27
CA GLY A 346 0.61 2.00 -1.05
C GLY A 346 1.57 2.17 -2.21
N GLY A 347 2.34 3.25 -2.19
CA GLY A 347 3.28 3.52 -3.28
C GLY A 347 2.60 3.93 -4.57
N THR A 348 3.15 3.51 -5.70
CA THR A 348 2.80 4.08 -7.00
C THR A 348 2.58 3.03 -8.07
N ASN A 349 1.53 3.21 -8.87
CA ASN A 349 1.22 2.36 -10.03
C ASN A 349 2.02 2.85 -11.24
N TRP A 350 3.33 2.81 -11.12
CA TRP A 350 4.24 3.24 -12.17
C TRP A 350 4.21 2.26 -13.35
N GLY A 351 4.63 2.72 -14.52
CA GLY A 351 4.80 1.83 -15.68
C GLY A 351 3.60 0.97 -16.03
N ASN A 352 2.40 1.55 -15.94
CA ASN A 352 1.15 0.88 -16.33
C ASN A 352 0.82 -0.40 -15.54
N LEU A 353 1.37 -0.56 -14.34
CA LEU A 353 1.13 -1.81 -13.59
C LEU A 353 -0.28 -1.88 -12.99
N GLY A 354 -0.97 -0.74 -12.88
CA GLY A 354 -2.28 -0.68 -12.25
C GLY A 354 -3.45 -1.15 -13.11
N TYR A 355 -4.55 -1.47 -12.43
CA TYR A 355 -5.79 -1.87 -13.11
C TYR A 355 -6.50 -0.66 -13.75
N PRO A 356 -7.45 -0.93 -14.66
CA PRO A 356 -7.97 0.19 -15.47
C PRO A 356 -8.77 1.23 -14.71
N ASN A 357 -9.40 0.85 -13.60
CA ASN A 357 -10.19 1.79 -12.82
C ASN A 357 -9.35 2.78 -12.05
N GLY A 358 -8.08 2.44 -11.77
CA GLY A 358 -7.20 3.28 -10.94
C GLY A 358 -6.23 4.08 -11.78
N TYR A 359 -5.62 5.07 -11.16
CA TYR A 359 -4.71 5.98 -11.86
C TYR A 359 -3.29 5.77 -11.34
N THR A 360 -2.37 6.72 -11.52
CA THR A 360 -0.96 6.46 -11.23
C THR A 360 -0.71 6.29 -9.73
N SER A 361 -1.29 7.17 -8.92
CA SER A 361 -1.11 7.11 -7.47
C SER A 361 -1.76 5.86 -6.89
N TYR A 362 -1.09 5.24 -5.90
CA TYR A 362 -1.73 4.25 -5.02
C TYR A 362 -1.48 4.65 -3.59
N ASP A 363 -1.51 5.96 -3.31
CA ASP A 363 -1.34 6.46 -1.95
C ASP A 363 -2.25 5.72 -0.96
N TYR A 364 -3.47 5.44 -1.41
CA TYR A 364 -4.43 4.63 -0.68
C TYR A 364 -4.98 5.30 0.59
N GLY A 365 -4.56 6.53 0.89
CA GLY A 365 -4.84 7.17 2.17
C GLY A 365 -4.26 6.44 3.38
N SER A 366 -3.18 5.69 3.17
CA SER A 366 -2.61 4.84 4.21
C SER A 366 -1.77 5.62 5.25
N ALA A 367 -1.37 4.92 6.31
CA ALA A 367 -0.63 5.54 7.42
C ALA A 367 0.73 6.12 6.98
N VAL A 368 1.38 5.47 6.04
CA VAL A 368 2.58 6.02 5.39
C VAL A 368 2.15 6.46 3.99
N THR A 369 2.44 7.70 3.63
CA THR A 369 1.95 8.25 2.36
C THR A 369 2.76 7.75 1.19
N GLU A 370 2.26 8.01 -0.01
CA GLU A 370 2.94 7.59 -1.23
C GLU A 370 4.36 8.14 -1.34
N SER A 371 4.59 9.36 -0.85
CA SER A 371 5.93 9.96 -0.81
C SER A 371 6.73 9.58 0.44
N ARG A 372 6.21 8.61 1.21
CA ARG A 372 6.84 7.95 2.35
C ARG A 372 6.80 8.75 3.66
N ASN A 373 6.05 9.85 3.71
CA ASN A 373 6.03 10.63 4.94
C ASN A 373 5.05 10.05 5.96
N ILE A 374 5.35 10.31 7.23
CA ILE A 374 4.54 9.83 8.35
C ILE A 374 4.01 11.02 9.15
N THR A 375 3.50 12.02 8.41
CA THR A 375 2.88 13.20 9.01
C THR A 375 1.41 13.00 9.35
N ARG A 376 0.74 12.04 8.73
CA ARG A 376 -0.69 11.86 8.98
C ARG A 376 -0.93 11.46 10.43
N GLU A 377 -1.93 12.08 11.05
CA GLU A 377 -2.22 11.78 12.45
C GLU A 377 -2.54 10.29 12.65
N LYS A 378 -3.13 9.66 11.64
CA LYS A 378 -3.39 8.22 11.70
C LYS A 378 -2.13 7.36 11.95
N TYR A 379 -0.96 7.80 11.46
CA TYR A 379 0.28 7.09 11.74
C TYR A 379 0.55 7.09 13.25
N SER A 380 0.51 8.27 13.87
CA SER A 380 0.82 8.39 15.30
C SER A 380 -0.20 7.65 16.18
N GLU A 381 -1.48 7.72 15.81
CA GLU A 381 -2.53 6.98 16.53
C GLU A 381 -2.28 5.48 16.46
N LEU A 382 -1.98 4.98 15.26
CA LEU A 382 -1.72 3.56 15.06
C LEU A 382 -0.55 3.06 15.91
N LYS A 383 0.51 3.87 16.00
CA LYS A 383 1.66 3.59 16.85
C LYS A 383 1.28 3.33 18.31
N LEU A 384 0.28 4.05 18.80
CA LEU A 384 -0.17 3.86 20.19
C LEU A 384 -0.74 2.45 20.39
N LEU A 385 -1.55 1.99 19.44
CA LEU A 385 -2.15 0.66 19.55
C LEU A 385 -1.14 -0.46 19.27
N GLY A 386 -0.28 -0.27 18.27
CA GLY A 386 0.78 -1.24 17.99
C GLY A 386 1.69 -1.46 19.20
N ASN A 387 2.05 -0.37 19.88
CA ASN A 387 2.93 -0.47 21.06
C ASN A 387 2.23 -1.10 22.28
N PHE A 388 0.93 -0.86 22.43
CA PHE A 388 0.11 -1.57 23.43
C PHE A 388 0.17 -3.09 23.21
N ALA A 389 -0.13 -3.51 21.98
CA ALA A 389 -0.19 -4.93 21.65
C ALA A 389 1.17 -5.61 21.87
N LYS A 390 2.25 -4.89 21.55
CA LYS A 390 3.61 -5.43 21.65
C LYS A 390 3.99 -5.88 23.08
N VAL A 391 3.44 -5.20 24.09
CA VAL A 391 3.83 -5.45 25.50
C VAL A 391 2.73 -6.04 26.38
N SER A 392 1.65 -6.55 25.78
CA SER A 392 0.48 -7.00 26.56
C SER A 392 0.15 -8.48 26.29
N PRO A 393 0.99 -9.40 26.79
CA PRO A 393 0.76 -10.83 26.53
C PRO A 393 -0.57 -11.38 27.06
N GLY A 394 -1.08 -10.81 28.16
CA GLY A 394 -2.36 -11.23 28.72
C GLY A 394 -3.55 -11.07 27.79
N TYR A 395 -3.43 -10.17 26.80
CA TYR A 395 -4.44 -10.00 25.77
C TYR A 395 -4.74 -11.31 25.03
N LEU A 396 -3.71 -12.10 24.74
CA LEU A 396 -3.88 -13.34 23.96
C LEU A 396 -4.44 -14.52 24.77
N THR A 397 -4.24 -14.51 26.09
CA THR A 397 -4.67 -15.62 26.95
C THR A 397 -6.01 -15.38 27.64
N ALA A 398 -6.59 -14.20 27.46
CA ALA A 398 -7.89 -13.86 28.04
C ALA A 398 -9.04 -14.65 27.39
N SER A 399 -10.18 -14.65 28.07
CA SER A 399 -11.42 -15.28 27.56
C SER A 399 -12.39 -14.18 27.13
N PRO A 400 -12.56 -13.97 25.81
CA PRO A 400 -13.49 -12.91 25.37
C PRO A 400 -14.95 -13.22 25.66
N GLY A 401 -15.68 -12.20 26.09
CA GLY A 401 -17.11 -12.31 26.29
C GLY A 401 -17.84 -11.54 25.22
N ASN A 402 -19.16 -11.69 25.19
CA ASN A 402 -20.00 -10.94 24.28
C ASN A 402 -20.02 -9.45 24.65
N LEU A 403 -20.28 -8.60 23.66
CA LEU A 403 -20.41 -7.16 23.93
C LEU A 403 -21.59 -6.92 24.86
N THR A 404 -21.50 -5.86 25.67
CA THR A 404 -22.52 -5.53 26.66
C THR A 404 -22.88 -4.06 26.60
N THR A 405 -24.11 -3.72 26.98
CA THR A 405 -24.51 -2.33 27.20
C THR A 405 -24.83 -2.04 28.69
N SER A 406 -24.52 -3.00 29.56
CA SER A 406 -24.66 -2.82 31.00
C SER A 406 -23.82 -3.84 31.72
N GLY A 407 -23.55 -3.58 33.00
CA GLY A 407 -22.75 -4.48 33.82
C GLY A 407 -21.31 -4.03 33.97
N TYR A 408 -20.71 -3.46 32.93
CA TYR A 408 -19.37 -2.89 33.02
C TYR A 408 -19.42 -1.37 33.10
N ALA A 409 -20.01 -0.71 32.11
CA ALA A 409 -20.21 0.73 32.17
C ALA A 409 -21.64 1.02 32.63
N ASP A 410 -21.84 2.16 33.29
CA ASP A 410 -23.12 2.51 33.92
C ASP A 410 -24.14 3.20 33.00
N THR A 411 -23.95 3.13 31.68
CA THR A 411 -24.88 3.70 30.71
C THR A 411 -24.97 2.81 29.46
N THR A 412 -26.17 2.68 28.92
CA THR A 412 -26.38 1.92 27.68
C THR A 412 -25.93 2.68 26.45
N ASP A 413 -25.57 3.96 26.59
CA ASP A 413 -24.95 4.74 25.52
C ASP A 413 -23.55 4.21 25.16
N LEU A 414 -22.93 3.45 26.07
CA LEU A 414 -21.65 2.81 25.81
C LEU A 414 -21.78 1.31 25.68
N THR A 415 -20.93 0.74 24.83
CA THR A 415 -20.80 -0.70 24.68
C THR A 415 -19.42 -1.08 25.21
N VAL A 416 -19.38 -2.14 26.01
CA VAL A 416 -18.13 -2.66 26.57
C VAL A 416 -18.01 -4.13 26.22
N THR A 417 -16.89 -4.52 25.63
CA THR A 417 -16.63 -5.93 25.33
C THR A 417 -15.48 -6.36 26.24
N PRO A 418 -15.73 -7.36 27.13
CA PRO A 418 -14.73 -7.80 28.07
C PRO A 418 -13.87 -8.94 27.52
N LEU A 419 -12.58 -8.90 27.83
CA LEU A 419 -11.69 -10.05 27.64
C LEU A 419 -11.17 -10.37 29.03
N LEU A 420 -11.66 -11.46 29.60
CA LEU A 420 -11.46 -11.76 31.02
C LEU A 420 -10.36 -12.78 31.26
N GLY A 421 -9.40 -12.42 32.10
CA GLY A 421 -8.38 -13.35 32.58
C GLY A 421 -8.40 -13.37 34.11
N ASN A 422 -7.99 -14.48 34.69
CA ASN A 422 -7.84 -14.58 36.13
C ASN A 422 -6.52 -13.90 36.52
N SER A 423 -5.44 -14.68 36.60
CA SER A 423 -4.13 -14.15 36.98
C SER A 423 -3.49 -13.29 35.89
N THR A 424 -3.83 -13.56 34.62
CA THR A 424 -3.15 -12.93 33.49
C THR A 424 -3.73 -11.58 33.04
N GLY A 425 -4.80 -11.12 33.69
CA GLY A 425 -5.33 -9.77 33.49
C GLY A 425 -6.51 -9.72 32.55
N SER A 426 -7.28 -8.64 32.65
CA SER A 426 -8.44 -8.43 31.78
C SER A 426 -8.35 -7.12 31.01
N PHE A 427 -9.15 -7.06 29.95
CA PHE A 427 -9.19 -5.93 29.01
C PHE A 427 -10.64 -5.61 28.70
N PHE A 428 -10.95 -4.33 28.60
CA PHE A 428 -12.32 -3.86 28.40
C PHE A 428 -12.33 -2.82 27.30
N VAL A 429 -12.87 -3.20 26.14
CA VAL A 429 -12.93 -2.31 24.99
C VAL A 429 -14.22 -1.53 25.08
N VAL A 430 -14.10 -0.21 25.23
CA VAL A 430 -15.24 0.69 25.39
C VAL A 430 -15.41 1.55 24.14
N ARG A 431 -16.64 1.65 23.65
CA ARG A 431 -16.99 2.55 22.55
C ARG A 431 -18.43 3.04 22.76
N HIS A 432 -18.85 4.01 21.96
CA HIS A 432 -20.27 4.36 21.89
C HIS A 432 -21.05 3.20 21.27
N SER A 433 -22.24 2.95 21.81
CA SER A 433 -23.13 1.92 21.32
C SER A 433 -23.58 2.19 19.89
N ASP A 434 -23.91 3.45 19.63
CA ASP A 434 -24.00 3.96 18.27
C ASP A 434 -22.57 4.36 17.88
N TYR A 435 -21.91 3.52 17.09
CA TYR A 435 -20.47 3.69 16.84
C TYR A 435 -20.12 5.02 16.13
N SER A 436 -21.07 5.63 15.43
CA SER A 436 -20.83 6.90 14.74
C SER A 436 -20.98 8.14 15.64
N SER A 437 -21.43 7.95 16.87
CA SER A 437 -21.72 9.07 17.77
C SER A 437 -20.54 10.00 17.98
N GLU A 438 -20.81 11.30 17.88
CA GLU A 438 -19.81 12.33 18.18
C GLU A 438 -20.11 13.00 19.53
N GLU A 439 -20.98 12.39 20.34
CA GLU A 439 -21.36 12.93 21.64
C GLU A 439 -20.26 12.69 22.67
N SER A 440 -20.20 13.56 23.67
CA SER A 440 -19.36 13.38 24.85
C SER A 440 -20.19 12.66 25.91
N THR A 441 -19.67 11.54 26.42
CA THR A 441 -20.42 10.68 27.34
C THR A 441 -19.66 10.48 28.65
N SER A 442 -20.27 10.90 29.77
CA SER A 442 -19.71 10.64 31.09
C SER A 442 -20.08 9.23 31.53
N TYR A 443 -19.18 8.56 32.23
CA TYR A 443 -19.46 7.22 32.72
C TYR A 443 -18.60 6.79 33.89
N LYS A 444 -19.03 5.72 34.53
CA LYS A 444 -18.28 5.02 35.55
C LYS A 444 -18.25 3.55 35.16
N LEU A 445 -17.25 2.84 35.68
CA LEU A 445 -17.05 1.42 35.38
C LEU A 445 -17.25 0.57 36.63
N ARG A 446 -17.71 -0.65 36.44
CA ARG A 446 -17.70 -1.70 37.46
C ARG A 446 -16.85 -2.82 36.88
N LEU A 447 -15.62 -2.98 37.39
CA LEU A 447 -14.68 -3.93 36.82
C LEU A 447 -14.28 -5.02 37.81
N PRO A 448 -14.16 -6.27 37.34
CA PRO A 448 -13.63 -7.35 38.17
C PRO A 448 -12.10 -7.26 38.25
N THR A 449 -11.55 -7.50 39.44
CA THR A 449 -10.11 -7.59 39.64
C THR A 449 -9.83 -8.73 40.63
N SER A 450 -8.55 -9.08 40.76
CA SER A 450 -8.11 -10.07 41.75
C SER A 450 -8.32 -9.58 43.18
N ALA A 451 -8.27 -8.26 43.37
CA ALA A 451 -8.57 -7.63 44.67
C ALA A 451 -10.08 -7.44 44.95
N GLY A 452 -10.95 -7.94 44.05
CA GLY A 452 -12.39 -7.76 44.15
C GLY A 452 -12.91 -6.79 43.09
N SER A 453 -14.21 -6.82 42.86
CA SER A 453 -14.85 -5.88 41.94
C SER A 453 -14.86 -4.47 42.51
N VAL A 454 -14.72 -3.50 41.63
CA VAL A 454 -14.55 -2.10 42.04
C VAL A 454 -15.30 -1.16 41.11
N THR A 455 -15.88 -0.12 41.70
CA THR A 455 -16.54 0.93 40.95
C THR A 455 -15.54 2.09 40.77
N ILE A 456 -15.31 2.45 39.51
CA ILE A 456 -14.24 3.38 39.13
C ILE A 456 -14.89 4.58 38.44
N PRO A 457 -14.57 5.82 38.83
CA PRO A 457 -13.47 6.16 39.78
C PRO A 457 -13.86 6.01 41.26
N GLN A 458 -12.93 5.52 42.07
CA GLN A 458 -13.10 5.40 43.52
C GLN A 458 -13.02 6.73 44.25
N LEU A 459 -12.15 7.63 43.79
CA LEU A 459 -11.84 8.86 44.50
C LEU A 459 -12.70 10.06 44.11
N GLY A 460 -13.64 9.86 43.18
CA GLY A 460 -14.56 10.93 42.75
C GLY A 460 -14.38 11.25 41.29
N GLY A 461 -15.33 12.00 40.76
CA GLY A 461 -15.37 12.35 39.34
C GLY A 461 -15.92 11.22 38.48
N THR A 462 -15.85 11.43 37.17
CA THR A 462 -16.32 10.45 36.20
C THR A 462 -15.32 10.32 35.07
N LEU A 463 -15.44 9.25 34.31
CA LEU A 463 -14.66 9.06 33.09
C LEU A 463 -15.43 9.69 31.93
N THR A 464 -14.73 9.98 30.83
CA THR A 464 -15.36 10.57 29.65
C THR A 464 -14.92 9.82 28.38
N LEU A 465 -15.88 9.54 27.50
CA LEU A 465 -15.58 9.10 26.13
C LEU A 465 -16.09 10.19 25.21
N ASN A 466 -15.15 10.88 24.56
CA ASN A 466 -15.46 12.00 23.68
C ASN A 466 -15.60 11.56 22.22
N GLY A 467 -16.84 11.41 21.77
CA GLY A 467 -17.15 11.15 20.37
C GLY A 467 -16.59 9.87 19.79
N ARG A 468 -16.00 9.98 18.59
CA ARG A 468 -15.51 8.81 17.87
C ARG A 468 -14.15 8.40 18.41
N ASP A 469 -14.20 7.82 19.61
CA ASP A 469 -13.03 7.33 20.31
C ASP A 469 -13.39 5.98 20.92
N SER A 470 -12.37 5.20 21.23
CA SER A 470 -12.55 3.93 21.92
C SER A 470 -11.35 3.76 22.85
N LYS A 471 -11.58 3.13 24.00
CA LYS A 471 -10.51 2.89 24.99
C LYS A 471 -10.40 1.41 25.26
N ILE A 472 -9.19 0.96 25.56
CA ILE A 472 -8.97 -0.36 26.14
C ILE A 472 -8.54 -0.13 27.59
N HIS A 473 -9.47 -0.30 28.52
CA HIS A 473 -9.16 -0.22 29.95
C HIS A 473 -8.58 -1.57 30.39
N VAL A 474 -7.69 -1.56 31.37
CA VAL A 474 -7.02 -2.80 31.82
C VAL A 474 -7.19 -3.04 33.32
N THR A 475 -7.27 -4.31 33.69
CA THR A 475 -7.19 -4.70 35.11
C THR A 475 -6.18 -5.82 35.29
N ASP A 476 -5.61 -5.87 36.49
CA ASP A 476 -4.54 -6.80 36.84
C ASP A 476 -3.52 -6.94 35.70
N TYR A 477 -2.97 -5.80 35.32
CA TYR A 477 -2.04 -5.68 34.21
C TYR A 477 -0.62 -5.82 34.76
N ASN A 478 0.13 -6.79 34.24
CA ASN A 478 1.45 -7.14 34.77
C ASN A 478 2.53 -6.23 34.19
N VAL A 479 3.20 -5.47 35.05
CA VAL A 479 4.39 -4.70 34.68
C VAL A 479 5.57 -5.36 35.38
N SER A 480 6.07 -6.44 34.76
CA SER A 480 7.21 -7.19 35.25
C SER A 480 7.16 -7.53 36.74
N GLY A 481 6.04 -8.12 37.16
CA GLY A 481 5.83 -8.51 38.56
C GLY A 481 5.11 -7.48 39.43
N THR A 482 4.97 -6.25 38.95
CA THR A 482 4.15 -5.24 39.62
C THR A 482 2.75 -5.28 38.99
N ASN A 483 1.75 -5.47 39.85
CA ASN A 483 0.38 -5.62 39.38
C ASN A 483 -0.33 -4.27 39.39
N ILE A 484 -0.74 -3.81 38.21
CA ILE A 484 -1.60 -2.65 38.08
C ILE A 484 -3.02 -3.18 38.24
N ILE A 485 -3.65 -2.90 39.38
CA ILE A 485 -4.99 -3.44 39.68
C ILE A 485 -5.96 -2.98 38.61
N TYR A 486 -5.91 -1.69 38.29
CA TYR A 486 -6.58 -1.17 37.10
C TYR A 486 -5.96 0.14 36.61
N SER A 487 -6.18 0.43 35.33
CA SER A 487 -5.94 1.75 34.77
C SER A 487 -7.02 2.06 33.75
N THR A 488 -7.66 3.21 33.91
CA THR A 488 -8.63 3.67 32.93
C THR A 488 -7.90 4.30 31.75
N ALA A 489 -6.80 5.00 32.03
CA ALA A 489 -5.96 5.55 30.96
C ALA A 489 -5.27 4.39 30.24
N GLU A 490 -5.05 4.58 28.95
CA GLU A 490 -4.56 3.50 28.13
C GLU A 490 -3.05 3.35 28.22
N VAL A 491 -2.61 2.11 28.06
CA VAL A 491 -1.20 1.78 28.13
C VAL A 491 -0.58 2.03 26.76
N PHE A 492 0.49 2.82 26.73
CA PHE A 492 1.29 2.97 25.52
C PHE A 492 2.40 1.92 25.54
N THR A 493 3.16 1.90 26.63
CA THR A 493 4.22 0.91 26.81
C THR A 493 4.63 0.81 28.26
N TRP A 494 5.43 -0.21 28.56
CA TRP A 494 6.10 -0.32 29.85
C TRP A 494 7.40 -1.10 29.68
N LYS A 495 8.37 -0.84 30.54
CA LYS A 495 9.64 -1.59 30.56
C LYS A 495 10.17 -1.77 31.97
N LYS A 496 10.92 -2.86 32.17
CA LYS A 496 11.76 -3.02 33.36
C LYS A 496 13.19 -2.66 32.98
N PHE A 497 13.74 -1.66 33.64
CA PHE A 497 15.14 -1.26 33.47
C PHE A 497 15.90 -1.69 34.73
N ALA A 498 17.22 -1.55 34.70
CA ALA A 498 18.07 -1.96 35.82
C ALA A 498 17.79 -1.17 37.10
N ASP A 499 17.44 0.11 36.97
CA ASP A 499 17.19 1.00 38.11
C ASP A 499 15.70 1.18 38.47
N GLY A 500 14.79 0.44 37.81
CA GLY A 500 13.36 0.50 38.11
C GLY A 500 12.50 0.22 36.90
N LYS A 501 11.19 0.32 37.10
CA LYS A 501 10.19 0.07 36.06
C LYS A 501 9.58 1.38 35.61
N VAL A 502 9.14 1.43 34.36
CA VAL A 502 8.46 2.61 33.81
C VAL A 502 7.19 2.15 33.09
N LEU A 503 6.09 2.84 33.36
CA LEU A 503 4.82 2.62 32.67
C LEU A 503 4.39 3.95 32.03
N VAL A 504 3.93 3.91 30.79
CA VAL A 504 3.50 5.13 30.09
C VAL A 504 2.01 5.03 29.79
N LEU A 505 1.25 5.98 30.33
CA LEU A 505 -0.21 6.03 30.18
C LEU A 505 -0.63 7.32 29.49
N TYR A 506 -1.73 7.26 28.75
CA TYR A 506 -2.25 8.46 28.11
C TYR A 506 -3.78 8.51 28.11
N GLY A 507 -4.29 9.72 28.09
CA GLY A 507 -5.71 10.00 27.86
C GLY A 507 -5.87 11.13 26.88
N GLY A 508 -7.07 11.24 26.31
CA GLY A 508 -7.45 12.39 25.49
C GLY A 508 -7.75 13.61 26.34
N ALA A 509 -7.66 14.78 25.72
CA ALA A 509 -7.91 16.08 26.39
C ALA A 509 -9.27 16.11 27.09
N GLY A 510 -9.30 16.72 28.29
CA GLY A 510 -10.53 16.84 29.08
C GLY A 510 -10.91 15.64 29.94
N GLU A 511 -10.18 14.53 29.83
CA GLU A 511 -10.53 13.29 30.53
C GLU A 511 -9.93 13.27 31.94
N HIS A 512 -10.68 12.69 32.86
CA HIS A 512 -10.18 12.35 34.18
C HIS A 512 -9.95 10.85 34.18
N HIS A 513 -8.86 10.42 34.79
CA HIS A 513 -8.51 9.01 34.84
C HIS A 513 -8.10 8.57 36.23
N GLU A 514 -8.06 7.27 36.42
CA GLU A 514 -7.67 6.70 37.70
C GLU A 514 -6.95 5.38 37.51
N LEU A 515 -6.03 5.09 38.42
CA LEU A 515 -5.34 3.83 38.45
C LEU A 515 -5.17 3.37 39.88
N ALA A 516 -4.89 2.08 40.03
CA ALA A 516 -4.57 1.49 41.32
C ALA A 516 -3.49 0.45 41.15
N ILE A 517 -2.60 0.39 42.12
CA ILE A 517 -1.42 -0.49 42.07
C ILE A 517 -1.38 -1.35 43.33
N SER A 518 -1.09 -2.64 43.17
CA SER A 518 -0.89 -3.55 44.31
C SER A 518 0.46 -3.23 44.93
N THR A 519 0.43 -2.58 46.10
CA THR A 519 1.65 -2.09 46.75
C THR A 519 1.33 -1.59 48.15
N LYS A 520 2.34 -1.56 49.01
CA LYS A 520 2.25 -0.84 50.27
C LYS A 520 2.96 0.51 50.23
N SER A 521 3.60 0.85 49.10
CA SER A 521 4.26 2.14 48.94
C SER A 521 3.24 3.23 48.67
N ASN A 522 3.59 4.45 49.05
CA ASN A 522 2.77 5.61 48.78
C ASN A 522 3.10 6.13 47.38
N VAL A 523 2.36 7.12 46.92
CA VAL A 523 2.64 7.79 45.64
C VAL A 523 3.29 9.15 45.89
N THR A 524 4.27 9.49 45.05
CA THR A 524 4.94 10.78 45.06
C THR A 524 4.93 11.33 43.63
N VAL A 525 4.67 12.64 43.49
CA VAL A 525 4.78 13.31 42.19
C VAL A 525 6.22 13.76 42.06
N ILE A 526 6.92 13.25 41.05
CA ILE A 526 8.36 13.53 40.85
C ILE A 526 8.67 14.42 39.63
N GLU A 527 7.66 14.68 38.80
CA GLU A 527 7.75 15.70 37.77
C GLU A 527 6.35 16.28 37.53
N GLY A 528 6.29 17.60 37.38
CA GLY A 528 5.04 18.30 37.14
C GLY A 528 4.35 18.73 38.43
N SER A 529 3.22 19.41 38.27
CA SER A 529 2.46 19.92 39.40
C SER A 529 1.73 18.78 40.12
N GLU A 530 1.44 19.00 41.40
CA GLU A 530 0.57 18.10 42.18
C GLU A 530 -0.92 18.44 41.99
N SER A 531 -1.20 19.56 41.31
CA SER A 531 -2.58 20.00 41.02
C SER A 531 -3.40 18.96 40.26
N GLY A 532 -4.58 18.63 40.78
CA GLY A 532 -5.46 17.64 40.16
C GLY A 532 -4.99 16.19 40.27
N ILE A 533 -3.94 15.92 41.04
CA ILE A 533 -3.54 14.56 41.37
C ILE A 533 -4.09 14.28 42.76
N SER A 534 -4.95 13.28 42.85
CA SER A 534 -5.54 12.83 44.12
C SER A 534 -5.05 11.42 44.39
N SER A 535 -5.00 11.04 45.66
CA SER A 535 -4.59 9.68 45.99
C SER A 535 -5.13 9.21 47.33
N LYS A 536 -5.12 7.88 47.50
CA LYS A 536 -5.52 7.22 48.73
C LYS A 536 -4.74 5.92 48.86
N GLN A 537 -4.31 5.60 50.07
CA GLN A 537 -3.69 4.30 50.36
C GLN A 537 -4.70 3.40 51.07
N THR A 538 -4.72 2.13 50.68
CA THR A 538 -5.44 1.09 51.40
C THR A 538 -4.40 0.14 51.98
N SER A 539 -4.86 -0.93 52.63
CA SER A 539 -3.99 -1.98 53.19
C SER A 539 -3.01 -2.58 52.19
N SER A 540 -3.46 -2.77 50.95
CA SER A 540 -2.66 -3.44 49.93
C SER A 540 -2.61 -2.70 48.59
N SER A 541 -3.00 -1.43 48.55
CA SER A 541 -2.97 -0.68 47.30
C SER A 541 -2.75 0.81 47.48
N VAL A 542 -2.37 1.47 46.39
CA VAL A 542 -2.47 2.91 46.29
C VAL A 542 -3.34 3.22 45.08
N VAL A 543 -4.22 4.20 45.24
CA VAL A 543 -5.14 4.62 44.18
C VAL A 543 -4.76 6.05 43.82
N VAL A 544 -4.67 6.35 42.53
CA VAL A 544 -4.25 7.65 42.06
C VAL A 544 -5.21 8.15 40.99
N GLY A 545 -5.79 9.33 41.21
CA GLY A 545 -6.64 10.00 40.22
C GLY A 545 -5.87 11.14 39.57
N TRP A 546 -6.12 11.38 38.28
CA TRP A 546 -5.46 12.46 37.56
C TRP A 546 -6.29 13.01 36.42
N ASP A 547 -6.07 14.28 36.10
CA ASP A 547 -6.68 14.91 34.93
C ASP A 547 -5.64 15.04 33.83
N VAL A 548 -6.04 14.73 32.60
CA VAL A 548 -5.15 14.83 31.46
C VAL A 548 -4.73 16.29 31.28
N SER A 549 -3.44 16.49 31.01
CA SER A 549 -2.87 17.81 30.80
C SER A 549 -1.88 17.75 29.65
N THR A 550 -1.68 18.88 28.97
CA THR A 550 -0.63 18.99 27.97
C THR A 550 0.77 18.95 28.60
N THR A 551 0.86 19.25 29.91
CA THR A 551 2.10 19.10 30.66
C THR A 551 2.18 17.71 31.30
N ARG A 552 3.27 17.00 31.01
CA ARG A 552 3.51 15.67 31.55
C ARG A 552 3.64 15.70 33.07
N ARG A 553 3.04 14.70 33.72
CA ARG A 553 3.36 14.39 35.10
C ARG A 553 4.03 13.03 35.15
N ILE A 554 4.98 12.88 36.08
CA ILE A 554 5.54 11.58 36.39
C ILE A 554 5.30 11.34 37.87
N ILE A 555 4.75 10.18 38.19
CA ILE A 555 4.53 9.78 39.57
C ILE A 555 5.40 8.57 39.85
N GLN A 556 5.74 8.37 41.12
CA GLN A 556 6.56 7.25 41.55
C GLN A 556 5.83 6.49 42.66
N VAL A 557 5.76 5.17 42.49
CA VAL A 557 5.17 4.24 43.45
C VAL A 557 6.15 3.09 43.62
N GLY A 558 6.85 3.05 44.75
CA GLY A 558 7.94 2.09 44.93
C GLY A 558 8.99 2.29 43.83
N ASP A 559 9.34 1.22 43.13
CA ASP A 559 10.32 1.31 42.04
C ASP A 559 9.69 1.47 40.64
N LEU A 560 8.40 1.82 40.60
CA LEU A 560 7.68 2.08 39.34
C LEU A 560 7.50 3.58 39.15
N LYS A 561 7.97 4.10 38.01
CA LYS A 561 7.65 5.46 37.58
C LYS A 561 6.54 5.37 36.53
N ILE A 562 5.54 6.24 36.63
CA ILE A 562 4.43 6.26 35.67
C ILE A 562 4.33 7.63 35.02
N LEU A 563 4.46 7.65 33.69
CA LEU A 563 4.24 8.86 32.89
C LEU A 563 2.76 9.00 32.62
N LEU A 564 2.23 10.19 32.90
CA LEU A 564 0.83 10.53 32.71
C LEU A 564 0.77 11.58 31.62
N LEU A 565 0.35 11.16 30.43
CA LEU A 565 0.41 11.96 29.23
C LEU A 565 -0.95 12.25 28.62
N ASP A 566 -1.01 13.32 27.84
CA ASP A 566 -2.11 13.49 26.90
C ASP A 566 -1.77 12.76 25.60
N ARG A 567 -2.80 12.41 24.84
CA ARG A 567 -2.62 11.67 23.58
C ARG A 567 -1.64 12.36 22.64
N ASN A 568 -1.77 13.67 22.48
CA ASN A 568 -0.90 14.40 21.54
C ASN A 568 0.57 14.39 21.97
N SER A 569 0.86 14.33 23.28
CA SER A 569 2.24 14.14 23.73
C SER A 569 2.69 12.70 23.47
N ALA A 570 1.81 11.74 23.71
CA ALA A 570 2.13 10.31 23.48
C ALA A 570 2.48 10.02 22.03
N TYR A 571 1.88 10.76 21.09
CA TYR A 571 2.25 10.68 19.67
C TYR A 571 3.75 10.85 19.40
N ASN A 572 4.45 11.58 20.26
CA ASN A 572 5.89 11.83 20.09
C ASN A 572 6.82 10.83 20.78
N TYR A 573 6.25 9.75 21.35
CA TYR A 573 7.05 8.72 22.02
C TYR A 573 7.30 7.54 21.10
N TRP A 574 8.45 6.92 21.30
CA TRP A 574 8.92 5.82 20.47
C TRP A 574 9.54 4.78 21.38
N VAL A 575 9.49 3.51 20.95
CA VAL A 575 9.99 2.41 21.76
C VAL A 575 10.89 1.53 20.91
N PRO A 576 12.07 2.06 20.52
CA PRO A 576 12.98 1.25 19.73
C PRO A 576 13.55 0.10 20.56
N GLN A 577 13.74 -1.04 19.92
CA GLN A 577 14.50 -2.13 20.53
C GLN A 577 15.95 -1.68 20.71
N LEU A 578 16.58 -2.06 21.81
CA LEU A 578 17.96 -1.68 22.09
C LEU A 578 18.86 -2.88 21.81
N ALA A 579 19.62 -2.80 20.72
CA ALA A 579 20.55 -3.85 20.36
C ALA A 579 21.83 -3.72 21.18
N THR A 580 22.34 -4.84 21.69
CA THR A 580 23.62 -4.89 22.40
C THR A 580 24.68 -5.74 21.68
N ASP A 581 24.28 -6.48 20.65
CA ASP A 581 25.23 -7.15 19.75
C ASP A 581 24.92 -6.70 18.33
N GLY A 582 25.67 -5.72 17.86
CA GLY A 582 25.44 -5.14 16.54
C GLY A 582 24.48 -3.97 16.63
N THR A 583 24.01 -3.54 15.46
CA THR A 583 23.21 -2.33 15.35
C THR A 583 21.74 -2.58 14.95
N SER A 584 21.41 -3.81 14.57
CA SER A 584 20.07 -4.13 14.07
C SER A 584 19.14 -4.49 15.24
N PRO A 585 17.87 -4.05 15.18
CA PRO A 585 16.93 -4.31 16.28
C PRO A 585 16.61 -5.77 16.53
N GLY A 586 16.60 -6.58 15.47
CA GLY A 586 16.14 -7.95 15.56
C GLY A 586 14.62 -8.01 15.51
N PHE A 587 14.11 -9.24 15.40
CA PHE A 587 12.67 -9.45 15.38
C PHE A 587 12.07 -9.15 16.76
N SER A 588 10.75 -9.03 16.81
CA SER A 588 10.05 -8.73 18.06
C SER A 588 9.89 -9.98 18.94
N THR A 589 11.00 -10.49 19.45
CA THR A 589 11.01 -11.66 20.33
C THR A 589 10.81 -11.17 21.77
N PRO A 590 10.39 -12.06 22.68
CA PRO A 590 10.21 -11.62 24.07
C PRO A 590 11.43 -10.91 24.66
N GLU A 591 12.61 -11.49 24.49
CA GLU A 591 13.84 -10.92 25.04
C GLU A 591 14.15 -9.54 24.43
N LYS A 592 13.99 -9.39 23.12
CA LYS A 592 14.31 -8.13 22.45
C LYS A 592 13.25 -7.06 22.70
N VAL A 593 12.00 -7.48 22.87
CA VAL A 593 10.94 -6.55 23.31
C VAL A 593 11.28 -6.01 24.70
N ALA A 594 11.63 -6.91 25.62
CA ALA A 594 11.93 -6.53 27.00
C ALA A 594 13.12 -5.57 27.10
N SER A 595 14.10 -5.72 26.23
CA SER A 595 15.33 -4.91 26.25
C SER A 595 15.19 -3.48 25.65
N SER A 596 13.99 -3.08 25.23
CA SER A 596 13.80 -1.80 24.54
C SER A 596 13.94 -0.58 25.46
N ILE A 597 14.07 0.60 24.86
CA ILE A 597 14.10 1.86 25.60
C ILE A 597 12.97 2.77 25.14
N ILE A 598 12.71 3.81 25.92
CA ILE A 598 11.62 4.74 25.64
C ILE A 598 12.24 6.09 25.28
N VAL A 599 11.89 6.58 24.08
CA VAL A 599 12.47 7.82 23.56
C VAL A 599 11.36 8.80 23.18
N LYS A 600 11.35 9.97 23.79
CA LYS A 600 10.51 11.08 23.33
C LYS A 600 11.32 11.83 22.30
N ALA A 601 10.74 12.04 21.12
CA ALA A 601 11.45 12.78 20.07
C ALA A 601 10.43 13.48 19.17
N GLY A 602 10.62 13.45 17.86
CA GLY A 602 9.72 14.13 16.96
C GLY A 602 9.28 13.20 15.86
N TYR A 603 9.72 13.51 14.64
CA TYR A 603 9.19 12.88 13.44
C TYR A 603 9.32 11.36 13.39
N LEU A 604 10.47 10.82 13.80
CA LEU A 604 10.73 9.38 13.71
C LEU A 604 11.91 8.98 14.57
N VAL A 605 11.78 7.86 15.27
CA VAL A 605 12.94 7.17 15.85
C VAL A 605 12.97 5.79 15.22
N ARG A 606 14.07 5.47 14.54
CA ARG A 606 14.20 4.22 13.80
C ARG A 606 14.78 3.12 14.67
N THR A 607 15.95 3.39 15.26
CA THR A 607 16.69 2.36 16.00
C THR A 607 17.47 2.92 17.19
N ALA A 608 17.91 1.99 18.03
CA ALA A 608 18.79 2.29 19.15
C ALA A 608 19.73 1.12 19.38
N TYR A 609 20.97 1.43 19.76
CA TYR A 609 21.89 0.38 20.19
C TYR A 609 22.93 0.91 21.17
N LEU A 610 23.48 -0.01 21.93
CA LEU A 610 24.46 0.26 22.96
C LEU A 610 25.79 -0.31 22.48
N LYS A 611 26.83 0.52 22.48
CA LYS A 611 28.16 0.10 22.07
C LYS A 611 29.16 0.75 23.01
N GLY A 612 29.84 -0.08 23.81
CA GLY A 612 30.74 0.45 24.81
C GLY A 612 30.02 1.41 25.75
N SER A 613 30.60 2.59 25.96
CA SER A 613 29.99 3.63 26.79
C SER A 613 29.01 4.54 26.01
N GLY A 614 28.64 4.16 24.79
CA GLY A 614 27.80 5.00 23.94
C GLY A 614 26.41 4.45 23.75
N LEU A 615 25.41 5.32 23.88
CA LEU A 615 24.04 5.02 23.46
C LEU A 615 23.82 5.70 22.12
N TYR A 616 23.45 4.92 21.11
CA TYR A 616 23.31 5.38 19.73
C TYR A 616 21.84 5.33 19.34
N LEU A 617 21.32 6.46 18.86
CA LEU A 617 19.97 6.49 18.27
C LEU A 617 20.09 6.79 16.79
N THR A 618 19.18 6.23 15.99
CA THR A 618 19.00 6.69 14.62
C THR A 618 17.56 7.17 14.50
N ALA A 619 17.40 8.34 13.89
CA ALA A 619 16.12 9.06 13.92
C ALA A 619 16.07 10.07 12.78
N ASP A 620 14.85 10.50 12.45
CA ASP A 620 14.62 11.55 11.46
C ASP A 620 13.92 12.73 12.13
N PHE A 621 14.13 13.92 11.59
CA PHE A 621 13.65 15.16 12.17
C PHE A 621 13.11 16.09 11.08
N ASN A 622 11.93 16.66 11.31
CA ASN A 622 11.36 17.63 10.37
C ASN A 622 11.14 19.00 11.02
N ALA A 623 11.72 19.18 12.21
CA ALA A 623 11.64 20.40 13.01
C ALA A 623 12.64 20.26 14.14
N THR A 624 12.98 21.36 14.80
CA THR A 624 13.88 21.32 15.95
C THR A 624 13.20 20.50 17.05
N THR A 625 13.94 19.56 17.62
CA THR A 625 13.36 18.47 18.39
C THR A 625 14.05 18.32 19.73
N SER A 626 13.26 18.31 20.79
CA SER A 626 13.74 17.95 22.12
C SER A 626 13.67 16.44 22.24
N VAL A 627 14.80 15.82 22.52
CA VAL A 627 14.91 14.38 22.63
C VAL A 627 15.08 14.04 24.11
N GLU A 628 14.31 13.06 24.59
CA GLU A 628 14.50 12.51 25.92
C GLU A 628 14.61 11.00 25.83
N VAL A 629 15.52 10.44 26.61
CA VAL A 629 15.67 8.99 26.69
C VAL A 629 15.40 8.53 28.12
N ILE A 630 14.47 7.59 28.24
CA ILE A 630 14.08 7.01 29.52
C ILE A 630 14.53 5.56 29.46
N GLY A 631 15.31 5.14 30.46
CA GLY A 631 15.85 3.79 30.53
C GLY A 631 17.25 3.67 29.96
N VAL A 632 18.04 4.72 30.11
CA VAL A 632 19.40 4.71 29.60
C VAL A 632 20.18 3.67 30.40
N PRO A 633 20.89 2.74 29.72
CA PRO A 633 21.69 1.77 30.44
C PRO A 633 22.70 2.42 31.39
N SER A 634 22.96 1.76 32.52
CA SER A 634 23.89 2.28 33.53
C SER A 634 25.30 2.55 33.00
N THR A 635 25.71 1.75 32.02
CA THR A 635 27.03 1.85 31.39
C THR A 635 27.17 2.95 30.32
N ALA A 636 26.05 3.54 29.88
CA ALA A 636 26.09 4.56 28.84
C ALA A 636 26.49 5.91 29.44
N LYS A 637 27.51 6.53 28.85
CA LYS A 637 27.98 7.86 29.27
C LYS A 637 27.87 8.93 28.19
N ASN A 638 27.71 8.53 26.93
CA ASN A 638 27.74 9.44 25.80
C ASN A 638 26.56 9.11 24.90
N LEU A 639 25.96 10.15 24.34
CA LEU A 639 24.84 10.02 23.39
C LEU A 639 25.31 10.28 21.97
N PHE A 640 24.85 9.46 21.04
CA PHE A 640 25.07 9.67 19.61
C PHE A 640 23.70 9.68 18.92
N ILE A 641 23.50 10.60 17.99
CA ILE A 641 22.29 10.65 17.17
C ILE A 641 22.73 10.67 15.71
N ASN A 642 22.29 9.66 14.95
CA ASN A 642 22.73 9.44 13.58
C ASN A 642 24.27 9.44 13.44
N GLY A 643 24.93 8.82 14.42
CA GLY A 643 26.38 8.72 14.45
C GLY A 643 27.16 9.90 15.00
N ASP A 644 26.49 11.02 15.27
CA ASP A 644 27.15 12.25 15.72
C ASP A 644 27.08 12.38 17.23
N LYS A 645 28.24 12.58 17.87
CA LYS A 645 28.32 12.95 19.28
C LYS A 645 27.37 14.10 19.57
N THR A 646 26.50 13.91 20.57
CA THR A 646 25.48 14.88 20.90
C THR A 646 25.49 15.14 22.40
N SER A 647 25.61 16.41 22.79
CA SER A 647 25.59 16.79 24.20
C SER A 647 24.27 16.40 24.83
N HIS A 648 24.31 16.03 26.10
CA HIS A 648 23.09 15.75 26.84
C HIS A 648 23.21 16.21 28.29
N THR A 649 22.06 16.39 28.91
CA THR A 649 21.96 16.64 30.34
C THR A 649 21.15 15.52 30.97
N VAL A 650 21.33 15.33 32.26
CA VAL A 650 20.59 14.33 33.04
C VAL A 650 19.81 15.06 34.13
N ASP A 651 18.50 14.80 34.21
CA ASP A 651 17.67 15.44 35.25
C ASP A 651 17.66 14.61 36.54
N LYS A 652 16.97 15.09 37.57
CA LYS A 652 16.95 14.42 38.88
C LYS A 652 16.31 13.02 38.88
N ASN A 653 15.51 12.71 37.86
CA ASN A 653 14.91 11.37 37.70
C ASN A 653 15.66 10.46 36.72
N GLY A 654 16.85 10.88 36.29
CA GLY A 654 17.71 10.05 35.45
C GLY A 654 17.38 10.07 33.97
N ILE A 655 16.49 10.95 33.54
CA ILE A 655 16.14 11.07 32.14
C ILE A 655 17.23 11.87 31.43
N TRP A 656 17.71 11.37 30.29
CA TRP A 656 18.65 12.11 29.45
C TRP A 656 17.87 13.03 28.53
N SER A 657 18.37 14.26 28.36
CA SER A 657 17.78 15.24 27.45
C SER A 657 18.81 15.77 26.47
N ALA A 658 18.39 15.96 25.21
CA ALA A 658 19.26 16.52 24.17
C ALA A 658 18.39 17.31 23.21
N THR A 659 19.03 18.16 22.42
CA THR A 659 18.33 18.97 21.41
C THR A 659 18.95 18.69 20.05
N VAL A 660 18.10 18.43 19.06
CA VAL A 660 18.53 18.28 17.68
C VAL A 660 17.96 19.44 16.89
N ASP A 661 18.85 20.29 16.38
CA ASP A 661 18.45 21.48 15.66
C ASP A 661 18.12 21.11 14.21
N TYR A 662 17.06 21.74 13.70
CA TYR A 662 16.62 21.57 12.32
C TYR A 662 16.83 22.88 11.60
N ASN A 663 17.68 22.86 10.58
CA ASN A 663 17.87 23.99 9.69
C ASN A 663 17.92 23.45 8.27
N ALA A 664 16.81 23.60 7.56
CA ALA A 664 16.65 23.02 6.23
C ALA A 664 17.65 23.68 5.28
N PRO A 665 18.33 22.87 4.44
CA PRO A 665 19.25 23.44 3.47
C PRO A 665 18.47 24.07 2.31
N ASP A 666 19.13 24.93 1.56
CA ASP A 666 18.55 25.44 0.32
C ASP A 666 18.35 24.27 -0.63
N ILE A 667 17.12 24.13 -1.14
CA ILE A 667 16.77 23.13 -2.12
C ILE A 667 16.57 23.89 -3.42
N SER A 668 17.42 23.61 -4.41
CA SER A 668 17.40 24.30 -5.69
C SER A 668 16.85 23.35 -6.73
N LEU A 669 15.61 23.61 -7.18
CA LEU A 669 15.00 22.79 -8.22
C LEU A 669 14.94 23.59 -9.52
N PRO A 670 15.34 22.96 -10.64
CA PRO A 670 15.32 23.68 -11.91
C PRO A 670 13.89 23.96 -12.39
N SER A 671 13.73 25.05 -13.12
CA SER A 671 12.46 25.41 -13.75
C SER A 671 12.27 24.51 -14.97
N LEU A 672 11.27 23.64 -14.95
CA LEU A 672 11.08 22.71 -16.07
C LEU A 672 10.70 23.42 -17.37
N LYS A 673 9.97 24.53 -17.28
CA LYS A 673 9.59 25.26 -18.50
C LYS A 673 10.80 25.89 -19.21
N ASP A 674 11.86 26.20 -18.46
CA ASP A 674 13.07 26.82 -19.02
C ASP A 674 14.13 25.84 -19.56
N LEU A 675 13.84 24.54 -19.52
CA LEU A 675 14.78 23.54 -20.04
C LEU A 675 14.85 23.58 -21.56
N ASP A 676 15.87 22.93 -22.11
CA ASP A 676 16.10 22.90 -23.55
C ASP A 676 15.27 21.75 -24.15
N TRP A 677 13.96 21.97 -24.26
CA TRP A 677 13.05 20.93 -24.73
C TRP A 677 13.22 20.63 -26.21
N LYS A 678 13.37 19.34 -26.55
CA LYS A 678 13.41 18.89 -27.94
C LYS A 678 12.14 18.11 -28.25
N TYR A 679 11.60 18.33 -29.44
CA TYR A 679 10.33 17.73 -29.87
C TYR A 679 10.53 16.81 -31.06
N VAL A 680 9.79 15.71 -31.09
CA VAL A 680 9.59 14.94 -32.31
C VAL A 680 8.12 14.49 -32.39
N ASP A 681 7.59 14.46 -33.60
CA ASP A 681 6.24 13.97 -33.85
C ASP A 681 6.23 12.47 -33.57
N THR A 682 5.40 12.03 -32.63
CA THR A 682 5.29 10.59 -32.35
C THR A 682 3.99 9.99 -32.86
N LEU A 683 3.40 10.61 -33.88
CA LEU A 683 2.37 9.96 -34.69
C LEU A 683 2.72 10.14 -36.19
N PRO A 684 3.90 9.65 -36.60
CA PRO A 684 4.27 9.71 -38.04
C PRO A 684 3.35 8.88 -38.93
N GLU A 685 2.59 7.97 -38.31
CA GLU A 685 1.66 7.08 -39.00
C GLU A 685 0.63 7.82 -39.87
N ILE A 686 0.26 9.04 -39.50
CA ILE A 686 -0.75 9.80 -40.27
C ILE A 686 -0.17 10.62 -41.42
N GLN A 687 1.13 10.50 -41.66
CA GLN A 687 1.76 11.08 -42.86
C GLN A 687 1.66 10.08 -44.02
N SER A 688 1.43 10.59 -45.22
CA SER A 688 1.28 9.74 -46.42
C SER A 688 2.52 8.91 -46.76
N SER A 689 3.68 9.36 -46.30
CA SER A 689 4.94 8.63 -46.46
C SER A 689 5.13 7.43 -45.52
N TYR A 690 4.26 7.24 -44.53
CA TYR A 690 4.50 6.19 -43.54
C TYR A 690 4.37 4.81 -44.16
N ASP A 691 5.34 3.96 -43.86
CA ASP A 691 5.41 2.59 -44.36
C ASP A 691 5.24 1.63 -43.18
N ASP A 692 4.10 0.96 -43.12
CA ASP A 692 3.82 0.01 -42.03
C ASP A 692 4.04 -1.46 -42.42
N SER A 693 4.84 -1.69 -43.46
CA SER A 693 5.02 -3.05 -44.00
C SER A 693 5.61 -4.05 -43.00
N LEU A 694 6.36 -3.58 -41.99
CA LEU A 694 6.90 -4.46 -40.94
C LEU A 694 6.00 -4.64 -39.71
N TRP A 695 4.88 -3.93 -39.66
CA TRP A 695 3.93 -4.09 -38.54
C TRP A 695 3.31 -5.48 -38.60
N PRO A 696 3.03 -6.08 -37.43
CA PRO A 696 2.22 -7.30 -37.43
C PRO A 696 0.86 -7.10 -38.10
N ALA A 697 0.46 -8.04 -38.94
CA ALA A 697 -0.87 -8.04 -39.53
C ALA A 697 -1.87 -8.59 -38.52
N ALA A 698 -3.01 -7.90 -38.39
CA ALA A 698 -4.09 -8.35 -37.53
C ALA A 698 -5.01 -9.25 -38.35
N ASP A 699 -4.48 -10.41 -38.70
CA ASP A 699 -5.09 -11.29 -39.70
C ASP A 699 -5.48 -12.67 -39.18
N LEU A 700 -5.52 -12.86 -37.86
CA LEU A 700 -5.95 -14.12 -37.27
C LEU A 700 -7.45 -14.31 -37.47
N LYS A 701 -7.83 -15.37 -38.18
CA LYS A 701 -9.24 -15.65 -38.45
C LYS A 701 -9.96 -16.18 -37.21
N GLN A 702 -9.21 -16.76 -36.27
CA GLN A 702 -9.77 -17.26 -35.03
C GLN A 702 -9.11 -16.55 -33.86
N THR A 703 -9.91 -16.25 -32.84
CA THR A 703 -9.35 -15.75 -31.57
C THR A 703 -9.04 -16.91 -30.64
N LYS A 704 -8.05 -16.71 -29.76
CA LYS A 704 -7.77 -17.63 -28.66
C LYS A 704 -8.45 -17.16 -27.37
N ASN A 705 -9.22 -16.08 -27.45
CA ASN A 705 -9.98 -15.57 -26.33
C ASN A 705 -11.31 -16.33 -26.20
N THR A 706 -11.47 -17.08 -25.11
CA THR A 706 -12.70 -17.85 -24.88
C THR A 706 -13.87 -17.01 -24.37
N LEU A 707 -13.60 -15.79 -23.91
CA LEU A 707 -14.64 -14.94 -23.32
C LEU A 707 -15.54 -14.29 -24.36
N ARG A 708 -14.95 -13.74 -25.43
CA ARG A 708 -15.71 -12.98 -26.43
C ARG A 708 -15.42 -13.49 -27.84
N SER A 709 -16.43 -14.11 -28.46
CA SER A 709 -16.35 -14.51 -29.86
C SER A 709 -16.17 -13.30 -30.76
N LEU A 710 -15.44 -13.47 -31.85
CA LEU A 710 -15.20 -12.37 -32.80
C LEU A 710 -16.49 -11.91 -33.48
N THR A 711 -16.60 -10.60 -33.63
CA THR A 711 -17.65 -9.96 -34.43
C THR A 711 -17.07 -9.16 -35.61
N THR A 712 -15.78 -9.37 -35.89
CA THR A 712 -15.07 -8.84 -37.05
C THR A 712 -14.46 -10.04 -37.80
N PRO A 713 -14.09 -9.87 -39.08
CA PRO A 713 -13.58 -11.03 -39.83
C PRO A 713 -12.25 -11.60 -39.31
N THR A 714 -11.41 -10.76 -38.72
CA THR A 714 -10.19 -11.20 -38.06
C THR A 714 -10.14 -10.63 -36.66
N SER A 715 -9.30 -11.20 -35.80
CA SER A 715 -9.18 -10.67 -34.44
C SER A 715 -8.47 -9.32 -34.44
N LEU A 716 -9.09 -8.34 -33.81
CA LEU A 716 -8.42 -7.07 -33.52
C LEU A 716 -8.25 -6.92 -31.99
N TYR A 717 -8.22 -8.05 -31.27
CA TYR A 717 -7.93 -8.05 -29.84
C TYR A 717 -6.43 -7.97 -29.66
N SER A 718 -5.93 -6.97 -28.96
CA SER A 718 -4.49 -6.74 -28.84
C SER A 718 -3.72 -7.93 -28.24
N SER A 719 -4.31 -8.60 -27.25
CA SER A 719 -3.64 -9.69 -26.55
C SER A 719 -3.50 -10.98 -27.38
N ASP A 720 -4.33 -11.15 -28.42
CA ASP A 720 -4.13 -12.23 -29.40
C ASP A 720 -2.79 -12.12 -30.15
N TYR A 721 -2.22 -10.92 -30.16
CA TYR A 721 -0.95 -10.64 -30.82
C TYR A 721 0.17 -10.28 -29.84
N GLY A 722 -0.06 -10.51 -28.55
CA GLY A 722 0.95 -10.29 -27.52
C GLY A 722 1.11 -8.87 -27.01
N PHE A 723 0.16 -7.98 -27.31
CA PHE A 723 0.22 -6.58 -26.90
C PHE A 723 -0.76 -6.32 -25.76
N HIS A 724 -0.25 -6.09 -24.55
CA HIS A 724 -1.07 -6.05 -23.34
C HIS A 724 -1.09 -4.72 -22.60
N THR A 725 -0.31 -3.74 -23.05
CA THR A 725 0.02 -2.59 -22.22
C THR A 725 0.27 -1.31 -23.01
N GLY A 726 -0.11 -0.18 -22.42
CA GLY A 726 0.15 1.13 -23.01
C GLY A 726 -0.69 1.42 -24.25
N TYR A 727 -0.32 2.46 -24.98
CA TYR A 727 -1.09 2.88 -26.15
C TYR A 727 -1.01 1.83 -27.26
N LEU A 728 -2.16 1.61 -27.91
CA LEU A 728 -2.28 0.67 -29.01
C LEU A 728 -2.58 1.45 -30.27
N LEU A 729 -1.97 1.03 -31.39
CA LEU A 729 -2.25 1.61 -32.70
C LEU A 729 -2.72 0.54 -33.67
N TYR A 730 -3.76 0.87 -34.44
CA TYR A 730 -4.30 -0.01 -35.49
C TYR A 730 -4.34 0.77 -36.79
N ARG A 731 -4.01 0.09 -37.89
CA ARG A 731 -4.00 0.70 -39.21
C ARG A 731 -4.79 -0.17 -40.18
N GLY A 732 -5.86 0.40 -40.72
CA GLY A 732 -6.81 -0.31 -41.59
C GLY A 732 -6.70 0.17 -43.03
N HIS A 733 -6.21 -0.71 -43.90
CA HIS A 733 -5.99 -0.39 -45.32
C HIS A 733 -7.21 -0.77 -46.13
N PHE A 734 -7.65 0.11 -47.02
CA PHE A 734 -8.68 -0.26 -48.00
C PHE A 734 -8.51 0.54 -49.28
N THR A 735 -9.14 0.05 -50.35
CA THR A 735 -9.22 0.75 -51.62
C THR A 735 -10.63 1.34 -51.74
N ALA A 736 -10.71 2.64 -51.95
CA ALA A 736 -11.99 3.36 -51.99
C ALA A 736 -12.76 3.08 -53.30
N THR A 737 -14.08 2.99 -53.18
CA THR A 737 -14.98 3.06 -54.34
C THR A 737 -15.27 4.49 -54.77
N GLY A 738 -15.08 5.45 -53.86
CA GLY A 738 -15.47 6.83 -54.07
C GLY A 738 -16.86 7.18 -53.57
N ASN A 739 -17.62 6.18 -53.09
CA ASN A 739 -18.97 6.40 -52.58
C ASN A 739 -19.05 6.21 -51.06
N GLU A 740 -17.90 6.17 -50.39
CA GLU A 740 -17.87 5.98 -48.94
C GLU A 740 -18.40 7.24 -48.27
N SER A 741 -19.03 7.04 -47.11
CA SER A 741 -19.70 8.12 -46.39
C SER A 741 -19.32 8.16 -44.92
N THR A 742 -19.45 7.03 -44.22
CA THR A 742 -19.10 6.95 -42.80
C THR A 742 -18.25 5.74 -42.46
N PHE A 743 -17.58 5.84 -41.33
CA PHE A 743 -16.82 4.75 -40.73
C PHE A 743 -17.19 4.68 -39.26
N ALA A 744 -17.78 3.56 -38.85
CA ALA A 744 -18.15 3.29 -37.47
C ALA A 744 -17.13 2.37 -36.83
N ILE A 745 -16.84 2.60 -35.54
CA ILE A 745 -15.86 1.79 -34.84
C ILE A 745 -16.18 1.71 -33.35
N ASP A 746 -16.08 0.49 -32.80
CA ASP A 746 -16.22 0.22 -31.37
C ASP A 746 -14.82 -0.04 -30.83
N THR A 747 -14.25 0.93 -30.12
CA THR A 747 -12.95 0.77 -29.46
C THR A 747 -13.14 0.46 -27.98
N GLN A 748 -12.21 -0.29 -27.40
CA GLN A 748 -12.28 -0.70 -25.99
C GLN A 748 -10.91 -0.65 -25.35
N GLY A 749 -10.76 0.22 -24.34
CA GLY A 749 -9.52 0.36 -23.60
C GLY A 749 -9.61 0.23 -22.08
N GLY A 750 -10.81 -0.03 -21.56
CA GLY A 750 -11.04 -0.01 -20.12
C GLY A 750 -11.53 1.34 -19.67
N SER A 751 -12.04 1.41 -18.44
CA SER A 751 -12.61 2.64 -17.88
C SER A 751 -11.70 3.87 -18.07
N ALA A 752 -12.29 4.96 -18.53
CA ALA A 752 -11.59 6.24 -18.76
C ALA A 752 -10.62 6.24 -19.95
N PHE A 753 -10.67 5.21 -20.80
CA PHE A 753 -9.86 5.20 -22.00
C PHE A 753 -10.33 6.27 -22.99
N GLY A 754 -9.45 6.63 -23.92
CA GLY A 754 -9.79 7.48 -25.05
C GLY A 754 -9.29 6.85 -26.34
N SER A 755 -9.80 7.34 -27.45
CA SER A 755 -9.31 6.93 -28.76
C SER A 755 -9.45 8.05 -29.78
N SER A 756 -8.59 8.01 -30.80
CA SER A 756 -8.60 9.00 -31.88
C SER A 756 -8.45 8.28 -33.21
N VAL A 757 -9.07 8.84 -34.25
CA VAL A 757 -9.11 8.21 -35.56
C VAL A 757 -8.76 9.22 -36.66
N TRP A 758 -7.91 8.79 -37.59
CA TRP A 758 -7.57 9.56 -38.79
C TRP A 758 -7.81 8.71 -40.03
N LEU A 759 -8.19 9.37 -41.12
CA LEU A 759 -8.17 8.77 -42.45
C LEU A 759 -7.02 9.44 -43.19
N ASN A 760 -5.97 8.69 -43.48
CA ASN A 760 -4.69 9.25 -43.93
C ASN A 760 -4.32 10.39 -42.96
N GLY A 761 -4.17 11.63 -43.43
CA GLY A 761 -3.85 12.76 -42.55
C GLY A 761 -5.05 13.52 -42.02
N THR A 762 -6.25 13.11 -42.41
CA THR A 762 -7.47 13.82 -42.05
C THR A 762 -8.01 13.32 -40.72
N TYR A 763 -8.03 14.18 -39.73
CA TYR A 763 -8.60 13.86 -38.42
C TYR A 763 -10.10 13.63 -38.52
N LEU A 764 -10.57 12.48 -38.07
CA LEU A 764 -12.01 12.16 -38.08
C LEU A 764 -12.69 12.52 -36.78
N GLY A 765 -11.98 12.36 -35.66
CA GLY A 765 -12.53 12.65 -34.34
C GLY A 765 -11.91 11.79 -33.28
N SER A 766 -12.34 12.02 -32.04
CA SER A 766 -11.88 11.27 -30.88
C SER A 766 -13.03 10.94 -29.94
N TRP A 767 -12.89 9.84 -29.23
CA TRP A 767 -13.62 9.61 -27.99
C TRP A 767 -12.71 10.09 -26.86
N THR A 768 -13.12 11.17 -26.19
CA THR A 768 -12.27 11.84 -25.20
C THR A 768 -12.29 11.14 -23.85
N GLY A 769 -13.28 10.28 -23.63
CA GLY A 769 -13.26 9.34 -22.53
C GLY A 769 -14.09 9.77 -21.34
N LEU A 770 -14.61 8.76 -20.63
CA LEU A 770 -15.29 8.96 -19.34
C LEU A 770 -14.98 7.76 -18.48
N TYR A 771 -14.92 7.95 -17.16
CA TYR A 771 -14.77 6.82 -16.27
C TYR A 771 -15.85 5.75 -16.52
N ALA A 772 -17.08 6.19 -16.81
CA ALA A 772 -18.22 5.31 -17.06
C ALA A 772 -18.09 4.40 -18.29
N ASN A 773 -17.25 4.77 -19.26
CA ASN A 773 -17.06 4.02 -20.50
C ASN A 773 -15.75 3.23 -20.53
N SER A 774 -15.87 1.92 -20.67
CA SER A 774 -14.73 1.06 -20.98
C SER A 774 -14.62 0.76 -22.49
N ASP A 775 -15.71 0.95 -23.23
CA ASP A 775 -15.70 0.96 -24.69
C ASP A 775 -16.58 2.10 -25.19
N TYR A 776 -16.52 2.37 -26.49
CA TYR A 776 -17.30 3.46 -27.09
C TYR A 776 -17.58 3.18 -28.56
N ASN A 777 -18.83 3.39 -28.97
CA ASN A 777 -19.23 3.28 -30.36
C ASN A 777 -19.26 4.67 -30.98
N ALA A 778 -18.40 4.90 -31.98
CA ALA A 778 -18.36 6.17 -32.71
C ALA A 778 -18.70 5.92 -34.16
N THR A 779 -19.42 6.86 -34.79
CA THR A 779 -19.62 6.89 -36.23
C THR A 779 -19.00 8.19 -36.73
N TYR A 780 -17.99 8.09 -37.60
CA TYR A 780 -17.28 9.24 -38.12
C TYR A 780 -17.65 9.48 -39.58
N ASN A 781 -17.85 10.74 -39.92
CA ASN A 781 -18.10 11.16 -41.30
C ASN A 781 -16.76 11.25 -42.02
N LEU A 782 -16.70 10.71 -43.23
CA LEU A 782 -15.49 10.69 -44.02
C LEU A 782 -15.46 11.84 -45.02
N PRO A 783 -14.27 12.34 -45.36
CA PRO A 783 -14.19 13.25 -46.50
C PRO A 783 -14.47 12.51 -47.81
N GLN A 784 -14.70 13.26 -48.88
CA GLN A 784 -14.88 12.67 -50.21
C GLN A 784 -13.61 11.90 -50.61
N LEU A 785 -13.75 10.62 -50.94
CA LEU A 785 -12.62 9.78 -51.35
C LEU A 785 -12.57 9.65 -52.87
N GLN A 786 -11.38 9.33 -53.36
CA GLN A 786 -11.14 9.14 -54.80
C GLN A 786 -11.23 7.66 -55.13
N ALA A 787 -12.08 7.31 -56.09
CA ALA A 787 -12.25 5.92 -56.52
C ALA A 787 -10.93 5.29 -56.93
N GLY A 788 -10.66 4.10 -56.42
CA GLY A 788 -9.48 3.34 -56.77
C GLY A 788 -8.21 3.68 -55.99
N LYS A 789 -8.23 4.75 -55.19
CA LYS A 789 -7.06 5.11 -54.36
C LYS A 789 -7.09 4.34 -53.04
N THR A 790 -5.90 4.12 -52.48
CA THR A 790 -5.73 3.42 -51.21
C THR A 790 -5.76 4.45 -50.07
N TYR A 791 -6.41 4.06 -48.98
CA TYR A 791 -6.46 4.87 -47.77
C TYR A 791 -6.13 4.01 -46.59
N VAL A 792 -5.65 4.65 -45.52
CA VAL A 792 -5.35 3.96 -44.27
C VAL A 792 -6.00 4.68 -43.10
N ILE A 793 -6.81 3.95 -42.34
CA ILE A 793 -7.41 4.46 -41.13
C ILE A 793 -6.46 4.18 -39.97
N THR A 794 -5.99 5.22 -39.30
CA THR A 794 -5.13 5.04 -38.12
C THR A 794 -5.96 5.28 -36.88
N VAL A 795 -5.96 4.32 -35.95
CA VAL A 795 -6.70 4.39 -34.70
C VAL A 795 -5.72 4.28 -33.55
N VAL A 796 -5.75 5.25 -32.62
CA VAL A 796 -4.94 5.20 -31.40
C VAL A 796 -5.88 4.96 -30.22
N ILE A 797 -5.54 3.99 -29.36
CA ILE A 797 -6.42 3.59 -28.25
C ILE A 797 -5.59 3.54 -26.98
N ASP A 798 -6.03 4.26 -25.95
CA ASP A 798 -5.39 4.19 -24.63
C ASP A 798 -5.83 2.89 -23.97
N ASN A 799 -4.88 2.01 -23.65
CA ASN A 799 -5.17 0.82 -22.86
C ASN A 799 -4.92 1.20 -21.40
N MET A 800 -5.96 1.14 -20.58
CA MET A 800 -5.87 1.55 -19.19
C MET A 800 -5.36 0.44 -18.26
N GLY A 801 -5.13 -0.75 -18.80
CA GLY A 801 -4.74 -1.92 -18.03
C GLY A 801 -5.78 -2.99 -18.24
N LEU A 802 -5.43 -4.23 -17.90
CA LEU A 802 -6.35 -5.34 -18.06
C LEU A 802 -7.21 -5.47 -16.83
N GLU A 803 -8.43 -5.98 -17.02
CA GLU A 803 -9.38 -6.11 -15.93
C GLU A 803 -8.94 -7.16 -14.91
N GLU A 804 -9.42 -7.00 -13.67
CA GLU A 804 -9.29 -8.03 -12.64
C GLU A 804 -10.24 -9.21 -12.90
N ASN A 805 -10.16 -10.24 -12.06
CA ASN A 805 -10.86 -11.51 -12.28
C ASN A 805 -11.42 -12.02 -10.94
N TRP A 806 -12.23 -11.19 -10.29
CA TRP A 806 -12.61 -11.44 -8.90
C TRP A 806 -13.51 -12.67 -8.72
N THR A 807 -14.46 -12.88 -9.64
CA THR A 807 -15.35 -14.02 -9.57
C THR A 807 -14.80 -15.14 -10.45
N VAL A 808 -14.59 -16.30 -9.82
CA VAL A 808 -14.06 -17.47 -10.51
C VAL A 808 -15.12 -18.01 -11.46
N GLY A 809 -14.77 -18.16 -12.75
CA GLY A 809 -15.72 -18.58 -13.77
C GLY A 809 -16.16 -17.48 -14.70
N GLU A 810 -16.08 -16.22 -14.24
CA GLU A 810 -16.51 -15.10 -15.07
C GLU A 810 -15.44 -14.72 -16.11
N ASP A 811 -14.16 -15.03 -15.82
CA ASP A 811 -13.05 -14.78 -16.75
C ASP A 811 -12.92 -13.31 -17.20
N LEU A 812 -13.27 -12.37 -16.33
CA LEU A 812 -13.26 -10.96 -16.73
C LEU A 812 -11.88 -10.41 -17.06
N MET A 813 -10.80 -11.02 -16.55
CA MET A 813 -9.46 -10.61 -16.96
C MET A 813 -9.24 -10.80 -18.48
N LYS A 814 -10.00 -11.70 -19.11
CA LYS A 814 -9.96 -11.89 -20.56
C LYS A 814 -10.66 -10.79 -21.38
N THR A 815 -11.24 -9.77 -20.74
CA THR A 815 -11.91 -8.69 -21.46
C THR A 815 -10.91 -8.06 -22.44
N PRO A 816 -11.20 -8.13 -23.75
CA PRO A 816 -10.20 -7.69 -24.72
C PRO A 816 -9.96 -6.17 -24.76
N ARG A 817 -8.84 -5.82 -25.38
CA ARG A 817 -8.49 -4.43 -25.66
C ARG A 817 -8.34 -4.31 -27.17
N GLY A 818 -8.77 -3.19 -27.73
CA GLY A 818 -8.60 -2.94 -29.16
C GLY A 818 -9.91 -2.60 -29.85
N ILE A 819 -10.12 -3.18 -31.02
CA ILE A 819 -11.30 -2.87 -31.85
C ILE A 819 -12.24 -4.07 -31.78
N LEU A 820 -13.46 -3.86 -31.30
CA LEU A 820 -14.46 -4.93 -31.18
C LEU A 820 -15.35 -5.06 -32.41
N ASN A 821 -15.62 -3.93 -33.06
CA ASN A 821 -16.52 -3.87 -34.22
C ASN A 821 -16.10 -2.70 -35.09
N PHE A 822 -16.36 -2.81 -36.39
CA PHE A 822 -16.24 -1.66 -37.29
C PHE A 822 -17.14 -1.86 -38.48
N LEU A 823 -17.50 -0.75 -39.13
CA LEU A 823 -18.32 -0.81 -40.34
C LEU A 823 -18.01 0.40 -41.22
N LEU A 824 -17.49 0.10 -42.42
CA LEU A 824 -17.27 1.11 -43.44
C LEU A 824 -18.52 1.07 -44.32
N ALA A 825 -19.35 2.10 -44.22
CA ALA A 825 -20.70 2.07 -44.83
C ALA A 825 -20.62 1.69 -46.31
N GLY A 826 -21.49 0.77 -46.71
CA GLY A 826 -21.54 0.30 -48.09
C GLY A 826 -20.45 -0.63 -48.55
N ARG A 827 -19.57 -1.07 -47.64
CA ARG A 827 -18.45 -1.96 -47.96
C ARG A 827 -18.45 -3.15 -47.01
N PRO A 828 -18.03 -4.33 -47.50
CA PRO A 828 -17.94 -5.48 -46.60
C PRO A 828 -16.78 -5.29 -45.62
N SER A 829 -16.90 -5.88 -44.43
CA SER A 829 -15.84 -5.83 -43.40
C SER A 829 -14.46 -6.18 -43.93
N SER A 830 -14.43 -7.17 -44.81
CA SER A 830 -13.19 -7.64 -45.43
C SER A 830 -12.52 -6.63 -46.38
N ALA A 831 -13.19 -5.52 -46.71
CA ALA A 831 -12.57 -4.44 -47.50
C ALA A 831 -11.38 -3.80 -46.77
N ILE A 832 -11.38 -3.84 -45.43
CA ILE A 832 -10.29 -3.30 -44.64
C ILE A 832 -9.38 -4.40 -44.13
N SER A 833 -8.08 -4.29 -44.41
CA SER A 833 -7.08 -5.22 -43.89
C SER A 833 -6.28 -4.47 -42.83
N TRP A 834 -6.27 -5.01 -41.61
CA TRP A 834 -5.72 -4.33 -40.45
C TRP A 834 -4.32 -4.77 -40.08
N LYS A 835 -3.53 -3.81 -39.62
CA LYS A 835 -2.26 -4.08 -38.93
C LYS A 835 -2.38 -3.45 -37.55
N LEU A 836 -1.55 -3.89 -36.61
CA LEU A 836 -1.56 -3.32 -35.27
C LEU A 836 -0.19 -3.32 -34.62
N THR A 837 -0.04 -2.45 -33.63
CA THR A 837 1.09 -2.54 -32.71
C THR A 837 0.77 -2.03 -31.32
N GLY A 838 1.40 -2.68 -30.36
CA GLY A 838 1.54 -2.17 -29.00
C GLY A 838 3.02 -2.03 -28.78
N ASN A 839 3.46 -2.26 -27.55
CA ASN A 839 4.88 -2.18 -27.21
C ASN A 839 5.71 -3.03 -28.18
N LEU A 840 6.86 -2.52 -28.60
CA LEU A 840 7.64 -3.19 -29.63
C LEU A 840 8.03 -4.59 -29.19
N GLY A 841 7.72 -5.57 -30.02
CA GLY A 841 8.02 -6.97 -29.75
C GLY A 841 6.94 -7.72 -28.97
N GLY A 842 5.97 -7.01 -28.42
CA GLY A 842 4.89 -7.62 -27.64
C GLY A 842 5.44 -8.34 -26.43
N GLU A 843 5.21 -9.65 -26.36
CA GLU A 843 5.73 -10.46 -25.25
C GLU A 843 7.25 -10.64 -25.30
N ASP A 844 7.84 -10.49 -26.48
CA ASP A 844 9.30 -10.35 -26.62
C ASP A 844 9.66 -8.89 -26.38
N TYR A 845 9.35 -8.42 -25.17
CA TYR A 845 9.41 -7.00 -24.83
C TYR A 845 10.86 -6.55 -24.73
N GLU A 846 11.09 -5.32 -25.14
CA GLU A 846 12.45 -4.80 -25.31
C GLU A 846 13.20 -4.58 -24.00
N ASP A 847 12.53 -4.00 -23.00
CA ASP A 847 13.19 -3.47 -21.81
C ASP A 847 13.13 -4.46 -20.63
N LYS A 848 14.14 -5.33 -20.56
CA LYS A 848 14.20 -6.32 -19.49
C LYS A 848 14.49 -5.72 -18.12
N VAL A 849 15.07 -4.52 -18.08
CA VAL A 849 15.35 -3.82 -16.82
C VAL A 849 14.09 -3.22 -16.21
N ARG A 850 13.31 -2.50 -17.02
CA ARG A 850 12.15 -1.78 -16.50
C ARG A 850 10.88 -2.62 -16.55
N GLY A 851 10.93 -3.79 -17.17
CA GLY A 851 9.81 -4.74 -17.13
C GLY A 851 8.86 -4.66 -18.32
N PRO A 852 7.89 -5.59 -18.38
CA PRO A 852 7.05 -5.78 -19.56
C PRO A 852 5.89 -4.80 -19.74
N LEU A 853 5.58 -3.98 -18.73
CA LEU A 853 4.42 -3.08 -18.78
C LEU A 853 4.73 -1.61 -19.05
N ASN A 854 5.98 -1.21 -18.82
CA ASN A 854 6.40 0.20 -18.76
C ASN A 854 6.11 1.04 -20.02
N GLU A 855 6.41 0.48 -21.19
CA GLU A 855 6.29 1.25 -22.45
C GLU A 855 5.13 0.72 -23.30
N GLY A 856 4.51 1.61 -24.07
CA GLY A 856 3.43 1.25 -25.00
C GLY A 856 3.86 1.32 -26.46
N GLY A 857 2.89 1.51 -27.34
CA GLY A 857 3.08 1.37 -28.78
C GLY A 857 3.38 2.59 -29.62
N LEU A 858 3.55 3.76 -28.99
CA LEU A 858 3.87 4.99 -29.74
C LEU A 858 5.24 4.89 -30.40
N TYR A 859 5.37 5.50 -31.58
CA TYR A 859 6.64 5.54 -32.31
C TYR A 859 7.86 5.81 -31.42
N ALA A 860 7.79 6.88 -30.64
CA ALA A 860 8.90 7.28 -29.75
C ALA A 860 9.23 6.21 -28.69
N GLU A 861 8.19 5.53 -28.19
CA GLU A 861 8.37 4.43 -27.22
C GLU A 861 8.96 3.21 -27.90
N ARG A 862 8.46 2.88 -29.08
CA ARG A 862 8.97 1.75 -29.88
C ARG A 862 10.47 1.92 -30.19
N GLN A 863 10.88 3.15 -30.49
CA GLN A 863 12.28 3.48 -30.76
C GLN A 863 13.16 3.51 -29.49
N GLY A 864 12.54 3.57 -28.31
CA GLY A 864 13.28 3.68 -27.05
C GLY A 864 13.70 5.10 -26.71
N PHE A 865 13.08 6.10 -27.35
CA PHE A 865 13.43 7.52 -27.14
C PHE A 865 13.07 8.05 -25.74
N HIS A 866 12.18 7.37 -25.05
CA HIS A 866 11.83 7.68 -23.64
C HIS A 866 12.95 7.46 -22.62
N GLN A 867 14.07 6.87 -23.04
CA GLN A 867 15.18 6.57 -22.15
C GLN A 867 16.20 7.70 -22.14
N PRO A 868 17.10 7.72 -21.14
CA PRO A 868 18.16 8.73 -21.11
C PRO A 868 18.95 8.85 -22.40
N GLU A 869 19.30 10.08 -22.74
CA GLU A 869 20.16 10.42 -23.88
C GLU A 869 19.57 9.96 -25.22
N PRO A 870 18.34 10.42 -25.55
CA PRO A 870 17.80 10.11 -26.87
C PRO A 870 18.55 10.83 -27.99
N PRO A 871 18.40 10.38 -29.25
CA PRO A 871 19.15 10.98 -30.36
C PRO A 871 18.46 12.26 -30.86
N SER A 872 18.46 13.29 -30.01
CA SER A 872 17.65 14.48 -30.23
C SER A 872 18.44 15.71 -30.70
N GLN A 873 19.68 15.52 -31.16
CA GLN A 873 20.54 16.64 -31.59
C GLN A 873 19.92 17.49 -32.70
N ASN A 874 19.29 16.85 -33.67
CA ASN A 874 18.69 17.52 -34.83
C ASN A 874 17.17 17.73 -34.71
N TRP A 875 16.58 17.39 -33.56
CA TRP A 875 15.16 17.60 -33.33
C TRP A 875 14.84 19.08 -33.20
N LYS A 876 13.60 19.43 -33.50
CA LYS A 876 13.10 20.79 -33.35
C LYS A 876 13.07 21.18 -31.88
N SER A 877 13.36 22.45 -31.59
CA SER A 877 13.23 23.00 -30.24
C SER A 877 11.79 23.44 -29.99
N SER A 878 11.06 22.66 -29.21
CA SER A 878 9.70 22.99 -28.83
C SER A 878 9.35 22.34 -27.50
N SER A 879 8.51 23.03 -26.74
CA SER A 879 8.17 22.65 -25.37
C SER A 879 6.75 22.08 -25.32
N PRO A 880 6.46 21.18 -24.35
CA PRO A 880 5.07 20.77 -24.14
C PRO A 880 4.14 21.92 -23.67
N LEU A 881 4.72 22.99 -23.15
CA LEU A 881 3.97 24.22 -22.83
C LEU A 881 3.56 24.99 -24.09
N GLU A 882 4.25 24.76 -25.22
CA GLU A 882 3.81 25.26 -26.53
C GLU A 882 2.82 24.28 -27.16
N GLY A 883 3.16 23.00 -27.17
CA GLY A 883 2.21 21.95 -27.53
C GLY A 883 1.82 21.92 -28.99
N LEU A 884 0.64 21.36 -29.28
CA LEU A 884 0.20 21.08 -30.64
C LEU A 884 -0.93 22.02 -31.05
N SER A 885 -0.99 22.33 -32.35
CA SER A 885 -2.05 23.17 -32.91
C SER A 885 -3.09 22.38 -33.72
N GLU A 886 -2.94 21.04 -33.74
CA GLU A 886 -3.96 20.15 -34.30
C GLU A 886 -3.94 18.82 -33.56
N ALA A 887 -4.93 17.97 -33.83
CA ALA A 887 -4.98 16.65 -33.20
C ALA A 887 -3.71 15.89 -33.55
N GLY A 888 -3.17 15.17 -32.60
CA GLY A 888 -1.92 14.46 -32.82
C GLY A 888 -1.26 14.07 -31.52
N ILE A 889 -0.04 13.57 -31.62
CA ILE A 889 0.73 13.17 -30.45
C ILE A 889 2.17 13.64 -30.61
N GLY A 890 2.63 14.44 -29.66
CA GLY A 890 3.99 14.94 -29.64
C GLY A 890 4.81 14.28 -28.56
N PHE A 891 6.12 14.18 -28.81
CA PHE A 891 7.07 13.65 -27.85
C PHE A 891 8.10 14.71 -27.55
N TYR A 892 8.36 14.94 -26.26
CA TYR A 892 9.23 16.01 -25.79
C TYR A 892 10.30 15.47 -24.87
N SER A 893 11.56 15.91 -25.07
CA SER A 893 12.70 15.42 -24.29
C SER A 893 13.50 16.59 -23.72
N ALA A 894 13.86 16.49 -22.44
CA ALA A 894 14.81 17.43 -21.83
C ALA A 894 15.47 16.81 -20.62
N SER A 895 16.70 17.25 -20.34
CA SER A 895 17.42 16.85 -19.13
C SER A 895 17.52 18.01 -18.13
N PHE A 896 17.74 17.65 -16.87
CA PHE A 896 18.02 18.61 -15.84
C PHE A 896 18.92 17.98 -14.78
N ASP A 897 19.71 18.82 -14.12
CA ASP A 897 20.60 18.37 -13.06
C ASP A 897 20.00 18.69 -11.69
N LEU A 898 20.25 17.79 -10.74
CA LEU A 898 19.96 18.04 -9.33
C LEU A 898 21.25 17.96 -8.56
N ASP A 899 21.35 18.75 -7.49
CA ASP A 899 22.48 18.70 -6.58
C ASP A 899 21.97 18.90 -5.16
N LEU A 900 21.08 17.99 -4.74
CA LEU A 900 20.48 18.07 -3.42
C LEU A 900 21.46 17.54 -2.37
N PRO A 901 21.35 18.02 -1.12
CA PRO A 901 22.35 17.69 -0.10
C PRO A 901 22.21 16.29 0.50
N LYS A 902 23.35 15.68 0.81
CA LYS A 902 23.37 14.39 1.47
C LYS A 902 22.83 14.50 2.89
N GLY A 903 22.19 13.44 3.36
CA GLY A 903 21.65 13.38 4.71
C GLY A 903 20.27 14.00 4.88
N TRP A 904 19.60 14.28 3.76
CA TRP A 904 18.26 14.83 3.76
C TRP A 904 17.36 13.97 2.88
N ASP A 905 16.19 13.62 3.40
CA ASP A 905 15.16 12.93 2.65
C ASP A 905 14.23 14.04 2.14
N VAL A 906 14.22 14.26 0.82
CA VAL A 906 13.50 15.40 0.23
C VAL A 906 12.49 14.89 -0.80
N PRO A 907 11.19 14.86 -0.45
CA PRO A 907 10.20 14.36 -1.41
C PRO A 907 10.01 15.32 -2.59
N LEU A 908 10.18 14.82 -3.81
CA LEU A 908 9.99 15.60 -5.02
C LEU A 908 8.75 15.16 -5.79
N PHE A 909 8.12 16.13 -6.44
CA PHE A 909 6.86 15.91 -7.17
C PHE A 909 6.92 16.58 -8.54
N LEU A 910 6.37 15.91 -9.55
CA LEU A 910 6.05 16.55 -10.82
C LEU A 910 4.63 17.09 -10.73
N ASN A 911 4.42 18.28 -11.27
CA ASN A 911 3.12 18.95 -11.21
C ASN A 911 2.69 19.34 -12.61
N ILE A 912 1.48 18.96 -12.99
CA ILE A 912 0.87 19.36 -14.25
C ILE A 912 -0.31 20.27 -13.93
N GLY A 913 -0.34 21.46 -14.50
CA GLY A 913 -1.35 22.47 -14.17
C GLY A 913 -2.74 22.15 -14.67
N ASN A 914 -3.75 22.46 -13.84
CA ASN A 914 -5.14 22.34 -14.24
C ASN A 914 -6.00 23.43 -13.59
N SER A 915 -5.49 24.66 -13.64
CA SER A 915 -6.15 25.80 -13.00
C SER A 915 -7.51 26.17 -13.60
N THR A 916 -7.66 25.94 -14.91
CA THR A 916 -8.93 26.19 -15.58
C THR A 916 -9.31 24.97 -16.41
N THR A 917 -10.59 24.89 -16.80
CA THR A 917 -11.10 23.72 -17.49
C THR A 917 -10.33 23.53 -18.79
N PRO A 918 -9.69 22.35 -18.97
CA PRO A 918 -8.79 22.17 -20.10
C PRO A 918 -9.49 21.62 -21.33
N SER A 919 -8.82 21.72 -22.47
CA SER A 919 -9.14 20.91 -23.64
C SER A 919 -8.73 19.45 -23.32
N PRO A 920 -9.30 18.47 -24.04
CA PRO A 920 -8.98 17.06 -23.75
C PRO A 920 -7.61 16.63 -24.27
N TYR A 921 -6.70 16.29 -23.37
CA TYR A 921 -5.41 15.75 -23.75
C TYR A 921 -4.92 14.75 -22.72
N ARG A 922 -4.03 13.87 -23.17
CA ARG A 922 -3.46 12.80 -22.36
C ARG A 922 -1.95 12.90 -22.36
N VAL A 923 -1.34 12.69 -21.20
CA VAL A 923 0.09 12.84 -21.01
C VAL A 923 0.64 11.60 -20.31
N GLN A 924 1.82 11.17 -20.75
CA GLN A 924 2.66 10.24 -19.99
C GLN A 924 4.00 10.94 -19.73
N VAL A 925 4.56 10.73 -18.54
CA VAL A 925 5.90 11.23 -18.25
C VAL A 925 6.79 10.08 -17.83
N TYR A 926 7.90 9.92 -18.56
CA TYR A 926 8.94 8.98 -18.24
C TYR A 926 10.09 9.75 -17.56
N VAL A 927 10.52 9.25 -16.40
CA VAL A 927 11.63 9.83 -15.64
C VAL A 927 12.77 8.84 -15.67
N ASN A 928 13.85 9.21 -16.37
CA ASN A 928 14.98 8.30 -16.61
C ASN A 928 14.52 6.96 -17.18
N GLY A 929 13.53 7.03 -18.07
CA GLY A 929 12.97 5.86 -18.74
C GLY A 929 11.78 5.20 -18.05
N TYR A 930 11.53 5.53 -16.78
CA TYR A 930 10.45 4.92 -15.99
C TYR A 930 9.19 5.77 -16.04
N GLN A 931 8.08 5.20 -16.49
CA GLN A 931 6.84 5.94 -16.56
C GLN A 931 6.28 6.14 -15.15
N TYR A 932 6.22 7.39 -14.71
CA TYR A 932 5.77 7.75 -13.35
C TYR A 932 4.64 8.78 -13.34
N ALA A 933 3.95 8.93 -14.47
CA ALA A 933 2.76 9.76 -14.55
C ALA A 933 1.95 9.40 -15.77
N LYS A 934 0.66 9.14 -15.57
CA LYS A 934 -0.33 9.06 -16.62
C LYS A 934 -1.42 10.06 -16.26
N TYR A 935 -1.73 10.96 -17.18
CA TYR A 935 -2.55 12.13 -16.89
C TYR A 935 -3.62 12.28 -17.94
N ILE A 936 -4.86 12.49 -17.50
CA ILE A 936 -5.99 12.74 -18.40
C ILE A 936 -6.58 14.09 -17.98
N SER A 937 -6.35 15.11 -18.81
CA SER A 937 -6.74 16.48 -18.48
C SER A 937 -8.23 16.60 -18.12
N ASN A 938 -9.08 15.92 -18.88
CA ASN A 938 -10.55 16.05 -18.72
C ASN A 938 -11.18 15.12 -17.69
N ILE A 939 -10.40 14.20 -17.08
CA ILE A 939 -10.94 13.24 -16.11
C ILE A 939 -10.28 13.37 -14.72
N GLY A 940 -8.96 13.40 -14.66
CA GLY A 940 -8.24 13.56 -13.38
C GLY A 940 -8.35 12.36 -12.44
N PRO A 941 -8.11 12.53 -11.14
CA PRO A 941 -7.90 13.81 -10.44
C PRO A 941 -6.44 14.25 -10.27
N GLN A 942 -5.50 13.39 -10.64
CA GLN A 942 -4.10 13.61 -10.23
C GLN A 942 -3.39 14.68 -11.06
N THR A 943 -2.88 15.69 -10.35
CA THR A 943 -1.98 16.70 -10.90
C THR A 943 -0.58 16.70 -10.26
N SER A 944 -0.43 16.07 -9.10
CA SER A 944 0.81 16.00 -8.34
C SER A 944 1.30 14.56 -8.32
N PHE A 945 2.50 14.34 -8.89
CA PHE A 945 3.05 13.00 -9.13
C PHE A 945 4.38 12.83 -8.40
N PRO A 946 4.38 12.15 -7.24
CA PRO A 946 5.67 11.93 -6.58
C PRO A 946 6.56 10.98 -7.36
N VAL A 947 7.86 11.23 -7.36
CA VAL A 947 8.83 10.37 -8.02
C VAL A 947 9.95 10.14 -7.01
N PRO A 948 10.25 8.87 -6.68
CA PRO A 948 11.19 8.61 -5.60
C PRO A 948 12.64 8.84 -5.98
N GLU A 949 13.43 9.20 -4.98
CA GLU A 949 14.88 9.15 -5.12
C GLU A 949 15.27 7.71 -5.47
N GLY A 950 16.24 7.56 -6.38
CA GLY A 950 16.60 6.25 -6.94
C GLY A 950 16.10 6.15 -8.36
N ILE A 951 14.85 6.57 -8.59
CA ILE A 951 14.36 6.83 -9.94
C ILE A 951 14.93 8.18 -10.38
N LEU A 952 14.79 9.19 -9.52
CA LEU A 952 15.51 10.46 -9.67
C LEU A 952 16.92 10.37 -9.09
N ASN A 953 17.85 11.06 -9.75
CA ASN A 953 19.25 11.14 -9.35
C ASN A 953 19.45 12.50 -8.68
N TYR A 954 19.58 12.51 -7.36
CA TYR A 954 19.61 13.76 -6.59
C TYR A 954 20.92 14.52 -6.71
N ARG A 955 21.98 13.82 -7.11
CA ARG A 955 23.27 14.45 -7.41
C ARG A 955 23.73 13.93 -8.77
N GLY A 956 22.97 14.30 -9.79
CA GLY A 956 23.27 13.91 -11.16
C GLY A 956 22.27 14.42 -12.18
N THR A 957 22.38 13.90 -13.39
CA THR A 957 21.54 14.32 -14.49
C THR A 957 20.29 13.45 -14.56
N ASN A 958 19.17 14.07 -14.89
CA ASN A 958 17.87 13.40 -15.00
C ASN A 958 17.24 13.73 -16.34
N TRP A 959 16.45 12.78 -16.84
CA TRP A 959 15.82 12.87 -18.15
C TRP A 959 14.32 12.79 -18.00
N LEU A 960 13.61 13.74 -18.62
CA LEU A 960 12.16 13.71 -18.74
C LEU A 960 11.80 13.47 -20.18
N ALA A 961 10.91 12.51 -20.41
CA ALA A 961 10.30 12.30 -21.71
C ALA A 961 8.80 12.42 -21.51
N VAL A 962 8.18 13.34 -22.26
CA VAL A 962 6.76 13.67 -22.09
C VAL A 962 6.05 13.40 -23.41
N THR A 963 4.99 12.56 -23.36
CA THR A 963 4.11 12.39 -24.51
C THR A 963 2.86 13.25 -24.28
N LEU A 964 2.41 13.93 -25.34
CA LEU A 964 1.24 14.81 -25.28
C LEU A 964 0.32 14.45 -26.45
N TRP A 965 -0.80 13.82 -26.12
CA TRP A 965 -1.80 13.39 -27.10
C TRP A 965 -2.97 14.35 -26.98
N ALA A 966 -3.21 15.14 -28.04
CA ALA A 966 -4.33 16.08 -28.07
C ALA A 966 -5.50 15.42 -28.80
N LEU A 967 -6.60 15.20 -28.07
CA LEU A 967 -7.80 14.54 -28.59
C LEU A 967 -8.83 15.59 -28.99
N ASP A 968 -8.38 16.53 -29.83
CA ASP A 968 -9.09 17.77 -30.12
C ASP A 968 -8.50 18.31 -31.42
N SER A 969 -9.36 18.73 -32.36
CA SER A 969 -8.88 19.23 -33.67
C SER A 969 -8.04 20.51 -33.59
N ALA A 970 -8.20 21.27 -32.50
CA ALA A 970 -7.40 22.48 -32.25
C ALA A 970 -6.09 22.21 -31.50
N GLY A 971 -5.75 20.95 -31.25
CA GLY A 971 -4.53 20.60 -30.54
C GLY A 971 -4.68 20.71 -29.04
N GLY A 972 -3.59 21.06 -28.38
CA GLY A 972 -3.53 21.12 -26.92
C GLY A 972 -2.12 21.34 -26.42
N LYS A 973 -2.01 21.82 -25.18
CA LYS A 973 -0.72 22.09 -24.55
C LYS A 973 -0.84 22.03 -23.04
N LEU A 974 0.28 21.81 -22.35
CA LEU A 974 0.27 21.87 -20.89
C LEU A 974 0.16 23.33 -20.45
N GLU A 975 -0.62 23.55 -19.39
CA GLU A 975 -0.75 24.87 -18.76
C GLU A 975 0.53 25.24 -18.00
N SER A 976 1.02 24.26 -17.23
CA SER A 976 2.26 24.39 -16.48
C SER A 976 2.83 23.01 -16.22
N LEU A 977 4.14 22.96 -16.01
CA LEU A 977 4.87 21.74 -15.69
C LEU A 977 5.98 22.14 -14.75
N GLU A 978 5.92 21.69 -13.50
CA GLU A 978 6.86 22.13 -12.46
C GLU A 978 7.31 20.99 -11.57
N LEU A 979 8.56 21.09 -11.11
CA LEU A 979 9.07 20.27 -10.02
C LEU A 979 8.81 21.01 -8.71
N SER A 980 8.45 20.27 -7.67
CA SER A 980 8.29 20.86 -6.35
C SER A 980 8.80 19.89 -5.28
N TYR A 981 8.92 20.41 -4.07
CA TYR A 981 9.29 19.61 -2.91
C TYR A 981 8.46 19.93 -1.69
N THR A 982 8.33 18.94 -0.80
CA THR A 982 7.72 19.14 0.52
C THR A 982 8.81 19.07 1.58
N THR A 983 8.43 19.30 2.83
CA THR A 983 9.35 19.45 3.96
C THR A 983 10.58 18.53 3.89
N PRO A 984 11.78 19.11 3.75
CA PRO A 984 12.99 18.29 3.88
C PRO A 984 13.13 17.67 5.27
N VAL A 985 13.45 16.38 5.31
CA VAL A 985 13.60 15.65 6.55
C VAL A 985 15.09 15.35 6.77
N LEU A 986 15.60 15.79 7.93
CA LEU A 986 16.95 15.45 8.36
C LEU A 986 16.93 13.96 8.69
N THR A 987 17.62 13.15 7.90
CA THR A 987 17.37 11.70 7.90
C THR A 987 18.57 10.86 8.30
N ALA A 988 18.27 9.72 8.91
CA ALA A 988 19.25 8.68 9.20
C ALA A 988 19.47 7.73 8.02
N LEU A 989 18.62 7.82 6.99
CA LEU A 989 18.74 6.91 5.84
C LEU A 989 20.11 7.00 5.19
N GLY A 990 20.63 5.84 4.78
CA GLY A 990 21.89 5.78 4.04
C GLY A 990 21.68 6.33 2.64
N GLU A 991 22.75 6.37 1.86
CA GLU A 991 22.65 6.89 0.50
C GLU A 991 21.76 5.95 -0.34
N VAL A 992 20.92 6.56 -1.17
CA VAL A 992 20.06 5.83 -2.09
C VAL A 992 20.82 5.68 -3.40
N GLU A 993 21.14 4.44 -3.76
CA GLU A 993 21.76 4.13 -5.05
C GLU A 993 20.69 4.32 -6.15
N SER A 994 21.08 4.98 -7.24
CA SER A 994 20.20 5.08 -8.40
C SER A 994 19.94 3.68 -8.94
N VAL A 995 18.69 3.39 -9.31
CA VAL A 995 18.39 2.14 -9.99
C VAL A 995 18.99 2.18 -11.39
N ASP A 996 19.07 1.02 -12.01
CA ASP A 996 19.56 0.94 -13.39
C ASP A 996 18.64 1.76 -14.29
N GLN A 997 19.24 2.62 -15.11
CA GLN A 997 18.51 3.52 -15.99
C GLN A 997 19.11 3.39 -17.38
N PRO A 998 18.84 2.26 -18.07
CA PRO A 998 19.43 2.05 -19.40
C PRO A 998 19.20 3.24 -20.34
N LYS A 999 20.26 3.69 -21.00
CA LYS A 999 20.15 4.79 -21.95
C LYS A 999 19.59 4.31 -23.28
N TYR A 1000 19.10 5.25 -24.08
CA TYR A 1000 18.63 4.96 -25.44
C TYR A 1000 19.70 4.20 -26.23
N LYS A 1001 19.27 3.14 -26.90
CA LYS A 1001 20.08 2.40 -27.88
C LYS A 1001 19.18 2.05 -29.06
N LYS A 1002 19.68 2.22 -30.28
CA LYS A 1002 18.88 1.91 -31.48
C LYS A 1002 18.40 0.45 -31.41
N ARG A 1003 17.12 0.24 -31.71
CA ARG A 1003 16.51 -1.08 -31.65
C ARG A 1003 16.32 -1.63 -33.06
N LYS A 1004 17.00 -2.74 -33.35
CA LYS A 1004 16.95 -3.36 -34.68
C LYS A 1004 15.56 -3.87 -35.05
N GLY A 1005 14.77 -4.25 -34.04
CA GLY A 1005 13.40 -4.74 -34.27
C GLY A 1005 12.34 -3.67 -34.53
N ALA A 1006 12.71 -2.39 -34.46
CA ALA A 1006 11.76 -1.31 -34.76
C ALA A 1006 11.31 -1.36 -36.23
N TYR A 1007 10.17 -0.72 -36.50
CA TYR A 1007 9.52 -0.84 -37.82
C TYR A 1007 10.08 0.10 -38.91
N HIS A 1008 10.97 1.02 -38.55
CA HIS A 1008 11.57 1.96 -39.53
C HIS A 1008 12.31 1.26 -40.69
C1 NAG B . 3.09 13.72 2.70
C2 NAG B . 3.36 15.15 2.23
C3 NAG B . 2.12 15.71 1.52
C4 NAG B . 1.70 14.78 0.39
C5 NAG B . 1.55 13.35 0.89
C6 NAG B . 1.24 12.41 -0.28
C7 NAG B . 4.99 16.33 3.65
C8 NAG B . 5.17 17.25 4.82
N2 NAG B . 3.73 16.03 3.34
O3 NAG B . 2.42 17.02 0.99
O4 NAG B . 0.41 15.19 -0.09
O5 NAG B . 2.74 12.93 1.55
O6 NAG B . 2.39 12.21 -1.09
O7 NAG B . 5.96 15.90 3.05
C1 NAG B . 0.47 15.74 -1.40
C2 NAG B . -0.95 15.77 -1.96
C3 NAG B . -1.06 16.61 -3.22
C4 NAG B . -0.38 17.96 -3.02
C5 NAG B . 1.07 17.75 -2.57
C6 NAG B . 1.83 19.06 -2.36
C7 NAG B . -2.19 13.75 -1.35
C8 NAG B . -2.53 12.32 -1.70
N2 NAG B . -1.38 14.40 -2.19
O3 NAG B . -2.44 16.82 -3.55
O4 NAG B . -0.40 18.65 -4.27
O5 NAG B . 1.07 17.03 -1.35
O6 NAG B . 1.18 19.84 -1.35
O7 NAG B . -2.63 14.25 -0.33
C1 BMA B . -0.87 19.99 -4.15
C2 BMA B . -0.58 20.69 -5.46
C3 BMA B . -1.07 22.14 -5.38
C4 BMA B . -2.53 22.20 -4.98
C5 BMA B . -2.80 21.39 -3.71
C6 BMA B . -4.30 21.30 -3.43
O2 BMA B . -1.25 20.01 -6.52
O3 BMA B . -0.86 22.77 -6.65
O4 BMA B . -2.89 23.57 -4.78
O5 BMA B . -2.26 20.07 -3.84
O6 BMA B . -4.53 20.69 -2.15
C1 MAN B . -0.15 24.01 -6.48
C2 MAN B . -0.17 24.82 -7.76
C3 MAN B . 0.66 24.12 -8.82
C4 MAN B . 2.09 23.91 -8.33
C5 MAN B . 2.06 23.18 -7.00
C6 MAN B . 3.45 23.09 -6.38
O2 MAN B . 0.44 26.07 -7.45
O3 MAN B . 0.66 24.88 -10.02
O4 MAN B . 2.85 23.17 -9.29
O5 MAN B . 1.21 23.84 -6.07
O6 MAN B . 3.33 22.33 -5.18
C1 MAN B . -0.39 27.22 -7.67
C2 MAN B . 0.50 28.46 -7.54
C3 MAN B . 0.92 28.63 -6.08
C4 MAN B . -0.30 28.70 -5.18
C5 MAN B . -1.19 27.47 -5.38
C6 MAN B . -2.49 27.56 -4.58
O2 MAN B . -0.17 29.67 -7.94
O3 MAN B . 1.73 29.81 -5.95
O4 MAN B . 0.13 28.79 -3.82
O5 MAN B . -1.51 27.27 -6.77
O6 MAN B . -3.50 28.28 -5.30
C1 MAN B . -0.15 29.90 -9.37
C2 MAN B . -0.38 31.39 -9.64
C3 MAN B . -1.82 31.82 -9.36
C4 MAN B . -2.87 30.83 -9.88
C5 MAN B . -2.48 29.38 -9.62
C6 MAN B . -3.40 28.40 -10.36
O2 MAN B . -0.03 31.65 -11.02
O3 MAN B . -2.06 33.11 -9.93
O4 MAN B . -4.12 31.12 -9.24
O5 MAN B . -1.14 29.15 -10.07
O6 MAN B . -3.43 27.17 -9.64
C1 MAN B . -4.76 21.65 -1.09
C2 MAN B . -4.77 20.94 0.26
C3 MAN B . -6.06 20.15 0.48
C4 MAN B . -7.31 20.98 0.17
C5 MAN B . -7.17 21.64 -1.21
C6 MAN B . -8.36 22.55 -1.54
O2 MAN B . -4.61 21.91 1.31
O3 MAN B . -6.15 19.73 1.86
O4 MAN B . -8.45 20.14 0.23
O5 MAN B . -5.96 22.41 -1.27
O6 MAN B . -8.36 23.71 -0.69
C1 MAN B . -6.21 18.30 1.99
C2 MAN B . -6.52 17.98 3.45
C3 MAN B . -5.32 18.31 4.35
C4 MAN B . -4.06 17.63 3.83
C5 MAN B . -3.83 17.96 2.36
C6 MAN B . -2.66 17.19 1.78
O2 MAN B . -6.84 16.58 3.54
O3 MAN B . -5.58 17.92 5.70
O4 MAN B . -2.93 18.04 4.62
O5 MAN B . -5.00 17.64 1.59
O6 MAN B . -2.43 17.66 0.45
C1 NAG C . 6.50 17.20 11.02
C2 NAG C . 5.42 17.92 10.24
C3 NAG C . 4.17 17.99 11.09
C4 NAG C . 3.75 16.60 11.60
C5 NAG C . 4.94 15.84 12.21
C6 NAG C . 4.59 14.38 12.50
C7 NAG C . 6.07 19.72 8.67
C8 NAG C . 6.50 21.16 8.60
N2 NAG C . 5.84 19.28 9.90
O3 NAG C . 3.12 18.58 10.31
O4 NAG C . 2.81 16.77 12.65
O5 NAG C . 6.04 15.89 11.31
O6 NAG C . 5.59 13.81 13.35
O7 NAG C . 5.97 19.05 7.64
C1 NAG C . 1.49 16.33 12.32
C2 NAG C . 0.71 16.13 13.61
C3 NAG C . -0.75 15.80 13.31
C4 NAG C . -1.32 16.76 12.27
C5 NAG C . -0.44 16.82 11.03
C6 NAG C . -0.96 17.77 9.95
C7 NAG C . 2.19 15.25 15.36
C8 NAG C . 2.74 14.00 15.99
N2 NAG C . 1.33 15.06 14.37
O3 NAG C . -1.51 15.83 14.52
O4 NAG C . -2.62 16.27 11.92
O5 NAG C . 0.86 17.25 11.44
O6 NAG C . -0.17 17.58 8.77
O7 NAG C . 2.51 16.37 15.76
C1 BMA C . -3.61 17.30 11.97
C2 BMA C . -4.91 16.76 11.42
C3 BMA C . -6.01 17.83 11.52
C4 BMA C . -6.03 18.48 12.90
C5 BMA C . -4.62 18.94 13.29
C6 BMA C . -4.52 19.60 14.65
O2 BMA C . -5.29 15.57 12.15
O3 BMA C . -7.28 17.24 11.29
O4 BMA C . -6.92 19.59 12.88
O5 BMA C . -3.78 17.79 13.28
O6 BMA C . -5.33 18.86 15.56
C1 MAN C . -7.86 17.61 10.02
C2 MAN C . -9.31 17.15 10.00
C3 MAN C . -9.37 15.63 10.09
C4 MAN C . -8.59 15.01 8.93
C5 MAN C . -7.19 15.62 8.79
C6 MAN C . -6.58 15.23 7.44
O2 MAN C . -9.93 17.55 8.78
O3 MAN C . -10.75 15.25 10.04
O4 MAN C . -8.49 13.58 9.09
O5 MAN C . -7.20 17.06 8.87
O6 MAN C . -5.26 15.75 7.34
C1 MAN C . -10.31 18.94 8.75
C2 MAN C . -11.59 19.09 7.95
C3 MAN C . -11.36 18.67 6.50
C4 MAN C . -10.22 19.47 5.90
C5 MAN C . -8.97 19.46 6.79
C6 MAN C . -7.93 20.47 6.31
O2 MAN C . -11.99 20.47 7.99
O3 MAN C . -12.56 18.86 5.73
O4 MAN C . -9.92 18.92 4.61
O5 MAN C . -9.31 19.79 8.17
O6 MAN C . -6.66 20.15 6.89
C1 MAN C . -13.32 20.64 8.50
C2 MAN C . -13.72 22.11 8.30
C3 MAN C . -13.01 23.02 9.30
C4 MAN C . -13.19 22.50 10.74
C5 MAN C . -12.70 21.06 10.80
C6 MAN C . -12.79 20.43 12.20
O2 MAN C . -15.14 22.25 8.41
O3 MAN C . -13.51 24.36 9.19
O4 MAN C . -12.49 23.34 11.65
O5 MAN C . -13.45 20.26 9.88
O6 MAN C . -11.64 19.62 12.43
C1 MAN C . -4.60 17.89 16.33
C2 MAN C . -5.62 16.89 16.83
C3 MAN C . -6.60 17.59 17.78
C4 MAN C . -5.85 18.29 18.89
C5 MAN C . -4.75 19.20 18.33
C6 MAN C . -3.88 19.77 19.46
O2 MAN C . -5.00 15.80 17.52
O3 MAN C . -7.52 16.66 18.36
O4 MAN C . -6.78 19.06 19.64
O5 MAN C . -3.90 18.49 17.42
O6 MAN C . -2.86 20.58 18.87
C1 MAN C . -8.86 16.87 17.87
C2 MAN C . -9.80 15.97 18.65
C3 MAN C . -9.59 14.50 18.24
C4 MAN C . -9.75 14.37 16.72
C5 MAN C . -8.72 15.28 16.06
C6 MAN C . -8.68 15.18 14.53
O2 MAN C . -11.15 16.38 18.40
O3 MAN C . -10.48 13.63 18.94
O4 MAN C . -9.56 13.01 16.34
O5 MAN C . -8.98 16.64 16.45
O6 MAN C . -9.87 15.74 13.98
C1 NAG D . -3.15 7.56 -48.17
C2 NAG D . -2.87 8.01 -49.61
C3 NAG D . -2.12 6.95 -50.42
C4 NAG D . -0.91 6.43 -49.67
C5 NAG D . -1.35 5.97 -48.27
C6 NAG D . -0.18 5.42 -47.47
C7 NAG D . -4.34 9.44 -50.96
C8 NAG D . -5.69 9.57 -51.62
N2 NAG D . -4.10 8.30 -50.30
O3 NAG D . -1.73 7.53 -51.69
O4 NAG D . -0.35 5.28 -50.34
O5 NAG D . -1.95 7.06 -47.57
O6 NAG D . -0.41 5.53 -46.05
O7 NAG D . -3.54 10.35 -51.03
C1 NAG D . 0.55 5.57 -51.44
C2 NAG D . 1.68 4.54 -51.40
C3 NAG D . 2.60 4.67 -52.63
C4 NAG D . 1.81 4.75 -53.93
C5 NAG D . 0.71 5.82 -53.83
C6 NAG D . -0.15 5.87 -55.10
C7 NAG D . 2.42 3.83 -49.17
C8 NAG D . 3.33 4.15 -48.02
N2 NAG D . 2.47 4.68 -50.19
O3 NAG D . 3.48 3.54 -52.66
O4 NAG D . 2.71 5.05 -55.01
O5 NAG D . -0.12 5.52 -52.70
O6 NAG D . -0.94 7.07 -55.09
O7 NAG D . 1.69 2.86 -49.14
C1 NAG E . -9.18 19.58 -14.42
C2 NAG E . -9.43 18.16 -13.91
C3 NAG E . -10.72 17.64 -14.53
C4 NAG E . -11.86 18.62 -14.27
C5 NAG E . -11.47 20.01 -14.75
C6 NAG E . -12.53 21.07 -14.48
C7 NAG E . -7.37 16.93 -13.37
C8 NAG E . -6.22 16.18 -13.96
N2 NAG E . -8.27 17.37 -14.26
O3 NAG E . -11.00 16.34 -14.02
O4 NAG E . -13.03 18.22 -15.00
O5 NAG E . -10.27 20.42 -14.10
O6 NAG E . -12.83 21.10 -13.09
O7 NAG E . -7.45 17.12 -12.17
C1 NAG E . -14.03 17.57 -14.19
C2 NAG E . -15.36 17.59 -14.93
C3 NAG E . -16.43 16.79 -14.20
C4 NAG E . -15.91 15.44 -13.73
C5 NAG E . -14.58 15.59 -13.00
C6 NAG E . -14.00 14.25 -12.52
C7 NAG E . -15.75 19.65 -16.23
C8 NAG E . -16.25 21.06 -16.17
N2 NAG E . -15.80 18.97 -15.09
O3 NAG E . -17.54 16.58 -15.08
O4 NAG E . -16.88 14.89 -12.82
O5 NAG E . -13.66 16.23 -13.89
O6 NAG E . -13.75 13.38 -13.64
O7 NAG E . -15.33 19.20 -17.27
C1 BMA E . -17.46 13.64 -13.25
C2 BMA E . -17.86 12.87 -12.01
C3 BMA E . -18.54 11.53 -12.34
C4 BMA E . -19.62 11.70 -13.42
C5 BMA E . -19.16 12.61 -14.57
C6 BMA E . -20.34 12.97 -15.49
O2 BMA E . -18.74 13.67 -11.21
O3 BMA E . -19.05 10.98 -11.11
O4 BMA E . -19.93 10.42 -13.99
O5 BMA E . -18.58 13.83 -14.11
O6 BMA E . -19.84 13.13 -16.82
C1 MAN E . -18.99 9.54 -11.03
C2 MAN E . -19.54 9.09 -9.68
C3 MAN E . -18.60 9.54 -8.56
C4 MAN E . -17.19 9.01 -8.79
C5 MAN E . -16.71 9.37 -10.21
C6 MAN E . -15.40 8.66 -10.52
O2 MAN E . -19.62 7.65 -9.62
O3 MAN E . -19.08 9.06 -7.28
O4 MAN E . -16.29 9.55 -7.82
O5 MAN E . -17.68 8.97 -11.19
O6 MAN E . -14.96 9.03 -11.84
C1 MAN E . -20.75 7.04 -10.28
C2 MAN E . -21.11 5.76 -9.53
C3 MAN E . -19.96 4.76 -9.64
C4 MAN E . -19.66 4.47 -11.11
C5 MAN E . -19.41 5.77 -11.86
C6 MAN E . -19.25 5.54 -13.37
O2 MAN E . -22.26 5.14 -10.12
O3 MAN E . -20.31 3.55 -8.97
O4 MAN E . -18.53 3.59 -11.19
O5 MAN E . -20.49 6.71 -11.66
O6 MAN E . -20.48 5.07 -13.94
C1 MAN E . -23.52 5.51 -9.54
C2 MAN E . -24.52 4.43 -9.87
C3 MAN E . -24.85 4.43 -11.36
C4 MAN E . -25.19 5.83 -11.87
C5 MAN E . -24.17 6.87 -11.40
C6 MAN E . -24.59 8.29 -11.76
O2 MAN E . -25.71 4.60 -9.09
O3 MAN E . -25.94 3.54 -11.63
O4 MAN E . -25.23 5.81 -13.31
O5 MAN E . -23.99 6.78 -9.99
O6 MAN E . -23.59 9.22 -11.33
C1 NAG F . -10.98 -24.13 -27.04
C2 NAG F . -11.25 -23.44 -28.36
C3 NAG F . -12.45 -24.06 -29.09
C4 NAG F . -12.39 -25.57 -29.13
C5 NAG F . -12.13 -26.13 -27.73
C6 NAG F . -11.99 -27.64 -27.69
C7 NAG F . -10.66 -21.05 -28.34
C8 NAG F . -11.19 -19.66 -28.12
N2 NAG F . -11.55 -22.02 -28.18
O3 NAG F . -12.49 -23.52 -30.42
O4 NAG F . -13.65 -26.05 -29.64
O5 NAG F . -10.92 -25.55 -27.23
O6 NAG F . -10.77 -28.02 -28.32
O7 NAG F . -9.49 -21.25 -28.64
C1 NAG G . -22.89 -14.81 23.33
C2 NAG G . -23.93 -15.56 24.16
C3 NAG G . -24.48 -16.78 23.43
C4 NAG G . -24.76 -16.53 21.95
C5 NAG G . -23.63 -15.77 21.28
C6 NAG G . -23.95 -15.40 19.83
C7 NAG G . -23.67 -15.50 26.63
C8 NAG G . -22.90 -16.07 27.78
N2 NAG G . -23.32 -15.97 25.42
O3 NAG G . -25.70 -17.18 24.08
O4 NAG G . -24.95 -17.79 21.29
O5 NAG G . -23.37 -14.57 22.00
O6 NAG G . -25.11 -14.58 19.77
O7 NAG G . -24.54 -14.67 26.81
C1 NAG H . 4.43 -11.16 35.42
C2 NAG H . 4.00 -12.63 35.42
C3 NAG H . 5.08 -13.53 36.02
C4 NAG H . 6.47 -13.23 35.45
C5 NAG H . 6.76 -11.73 35.45
C6 NAG H . 8.13 -11.43 34.86
C7 NAG H . 1.60 -13.12 35.65
C8 NAG H . 0.45 -13.21 36.62
N2 NAG H . 2.77 -12.78 36.18
O3 NAG H . 4.74 -14.89 35.74
O4 NAG H . 7.46 -13.92 36.21
O5 NAG H . 5.70 -11.04 34.76
O6 NAG H . 8.10 -10.31 33.97
O7 NAG H . 1.42 -13.36 34.46
C1 NAG I . 1.16 9.71 51.06
C2 NAG I . 1.36 10.27 52.47
C3 NAG I . 0.35 11.40 52.67
C4 NAG I . 0.43 12.44 51.56
C5 NAG I . 0.54 11.85 50.15
C6 NAG I . 1.03 12.92 49.16
C7 NAG I . 2.09 8.94 54.43
C8 NAG I . 1.70 7.81 55.35
N2 NAG I . 1.19 9.23 53.47
O3 NAG I . 0.59 12.02 53.94
O4 NAG I . -0.74 13.26 51.61
O5 NAG I . 1.44 10.74 50.11
O6 NAG I . 1.22 12.36 47.85
O7 NAG I . 3.15 9.52 54.58
C1 NAG J . -23.74 5.36 -53.46
C2 NAG J . -24.51 4.08 -53.82
C3 NAG J . -26.03 4.33 -53.91
C4 NAG J . -26.55 5.21 -52.74
C5 NAG J . -25.58 6.34 -52.32
C6 NAG J . -25.97 6.95 -50.99
C7 NAG J . -23.80 2.14 -55.20
C8 NAG J . -23.35 1.71 -56.58
N2 NAG J . -24.06 3.45 -55.06
O3 NAG J . -26.64 3.01 -53.92
O4 NAG J . -27.79 5.84 -53.05
O5 NAG J . -24.24 5.87 -52.21
O6 NAG J . -25.83 5.95 -49.97
O7 NAG J . -23.89 1.31 -54.30
C1 NAG K . -21.48 -0.60 -28.67
C2 NAG K . -22.01 -0.71 -27.25
C3 NAG K . -22.06 -2.17 -26.80
C4 NAG K . -22.81 -3.03 -27.80
C5 NAG K . -22.22 -2.82 -29.20
C6 NAG K . -22.94 -3.62 -30.28
C7 NAG K . -21.58 1.03 -25.56
C8 NAG K . -20.54 1.70 -24.72
N2 NAG K . -21.16 0.05 -26.36
O3 NAG K . -22.65 -2.24 -25.50
O4 NAG K . -22.72 -4.41 -27.42
O5 NAG K . -22.27 -1.42 -29.55
O6 NAG K . -24.29 -3.16 -30.39
O7 NAG K . -22.75 1.37 -25.50
S SO4 L . -16.72 -4.02 -52.45
O1 SO4 L . -17.42 -2.82 -51.97
O2 SO4 L . -15.45 -4.21 -51.71
O3 SO4 L . -17.56 -5.23 -52.27
O4 SO4 L . -16.43 -3.85 -53.89
S SO4 M . 15.86 -18.48 -13.02
O1 SO4 M . 16.31 -18.72 -11.62
O2 SO4 M . 17.01 -18.06 -13.85
O3 SO4 M . 15.27 -19.70 -13.60
O4 SO4 M . 14.87 -17.39 -12.97
CL CL N . 8.99 2.04 -35.11
C1 BTB O . -14.66 -6.34 -1.02
O1 BTB O . -14.75 -5.31 -0.03
C2 BTB O . -13.26 -6.47 -1.62
C3 BTB O . -13.24 -7.60 -2.66
O3 BTB O . -12.01 -7.58 -3.38
C4 BTB O . -12.24 -6.86 -0.54
O4 BTB O . -12.61 -8.04 0.16
N BTB O . -12.82 -5.22 -2.35
C5 BTB O . -13.81 -4.65 -3.33
C6 BTB O . -13.08 -4.12 -4.56
O6 BTB O . -12.24 -5.14 -5.13
C7 BTB O . -12.29 -4.10 -1.52
C8 BTB O . -10.76 -4.06 -1.52
O8 BTB O . -10.32 -3.77 -2.85
C1 GOL P . -7.41 -5.59 -2.65
O1 GOL P . -8.33 -5.51 -3.75
C2 GOL P . -6.97 -7.03 -2.42
O2 GOL P . -6.23 -7.51 -3.55
C3 GOL P . -8.18 -7.94 -2.20
O3 GOL P . -7.76 -9.27 -1.81
C1 GOL Q . 19.43 -21.52 -5.81
O1 GOL Q . 20.14 -20.95 -6.91
C2 GOL Q . 19.39 -20.53 -4.65
O2 GOL Q . 19.03 -19.22 -5.09
C3 GOL Q . 20.74 -20.50 -3.96
O3 GOL Q . 20.72 -19.57 -2.86
C1 GOL R . 19.70 -16.47 4.81
O1 GOL R . 19.44 -17.15 6.05
C2 GOL R . 18.46 -16.48 3.91
O2 GOL R . 17.57 -17.55 4.27
C3 GOL R . 18.82 -16.62 2.43
O3 GOL R . 19.60 -17.79 2.18
C1 GOL S . -3.24 14.60 -6.07
O1 GOL S . -2.96 15.36 -7.27
C2 GOL S . -4.65 14.75 -5.48
O2 GOL S . -5.55 14.00 -6.30
C3 GOL S . -4.64 14.24 -4.03
O3 GOL S . -5.94 14.10 -3.39
C1 GOL T . -16.46 0.57 -12.81
O1 GOL T . -17.33 -0.25 -12.02
C2 GOL T . -17.24 1.17 -13.99
O2 GOL T . -18.40 1.87 -13.51
C3 GOL T . -16.35 2.14 -14.75
O3 GOL T . -16.65 2.11 -16.15
#